data_5YW7
#
_entry.id   5YW7
#
_cell.length_a   1.000
_cell.length_b   1.000
_cell.length_c   1.000
_cell.angle_alpha   90.00
_cell.angle_beta   90.00
_cell.angle_gamma   90.00
#
_symmetry.space_group_name_H-M   'P 1'
#
loop_
_entity.id
_entity.type
_entity.pdbx_description
1 polymer 'ATP-binding cassette sub-family C member 8 isoform X2'
2 non-polymer 5-chloro-N-(2-{4-[(cyclohexylcarbamoyl)sulfamoyl]phenyl}ethyl)-2-methoxybenzamide
3 non-polymer 'PHOSPHOTHIOPHOSPHORIC ACID-ADENYLATE ESTER'
#
_entity_poly.entity_id   1
_entity_poly.type   'polypeptide(L)'
_entity_poly.pdbx_seq_one_letter_code
;MPLAFCGTENHSAAYRVDQGVLNNGCFVDALNVVPHVFLLFITFPILFIGWGSQSSKVHIHHSTWLHFPGHNLRWILTFI
LLFVLVCEIAEGILSDGVTESRHLHLYMPAGMAFMAAITSVVYYHNIETSNFPKLLIALLIYWTLAFITKTIKFVKFYDH
AIGFSQLRFCLTGLLVILYGMLLLVEVNVIRVRRYIFFKTPREVKPPEDLQDLGVRFLQPFVNLLSKGTYWWMNAFIKTA
HKKPIDLRAIGKLPIAMRALTNYQRLCVAFDAQARKDTQSPQGARAIWRALCHAFGRRLILSSTFRILADLLGFAGPLCI
FGIVDHLGKENHVFQPKTQFLGVYFVSSQEFLGNAYVLAVLLFLALLLQRTFLQASYYVAIETGINLRGAIQTKIYNKIM
HLSTSNLSMGEMTAGQICNLVAIDTNQLMWFFFLCPNLWAMPVQIIVGVILLYYILGVSALIGAAVIILLAPVQYFVATK
LSQAQRSTLEHSNERLKQTNEMLRGMKLLKLYAWESIFCSRVEVTRRKEMTSLRAFAVYTSISIFMNTAIPIAAVLITFV
GHVSFFKESDLSPSVAFASLSLFHILVTPLFLLSSVVRSTVKALVSVQKLSEFLSSAEIREEQCAPREPAPQGQAGKYQA
VPLKVVNRKRPAREEVRDLLGPLQRLAPSMDGDADNFCVQIIGGFFTWTPDGIPTLSNITIRIPRGQLTMIVGQVGCGKS
SLLLATLGEMQKVSGAVFWNSNLPDSEGEDPSSPERETAAGSDIRSRGPVAYASQKPWLLNATVEENITFESPFNKQRYK
MVIEACSLQPDIDILPHGDQTQIGERGINLSGGQRQRISVARALYQQTNVVFLDDPFSALDVHLSDHLMQAGILELLRDD
KRTVVLVTHKLQYLPHADWIIAMKDGTIQREGTLKDFQRSECQLFEHWKTLMNRQDQELEKETVMERKASEPSQGLPRAM
SSRDGLLLDEEEEEEEAAESEEDDNLSSVLHQRAKIPWRACTKYLSSAGILLLSLLVFSQLLKHMVLVAIDYWLAKWTDS
ALVLSPAARNCSLSQECDLDQSVYAMVFTLLCSLGIVLCLVTSVTVEWTGLKVAKRLHRSLLNRIILAPMRFFETTPLGS
ILNRFSSDCNTIDQHIPSTLECLSRSTLLCVSALTVISYVTPVFLVALLPLAVVCYFIQKYFRVASRDLQQLDDTTQLPL
LSHFAETVEGLTTIRAFRYEARFQQKLLEYTDSNNIASLFLTAANRWLEVRMEYIGACVVLIAAATSISNSLHRELSAGL
VGLGLTYALMVSNYLNWMVRNLADMEIQLGAVKRIHALLKTEAESYEGLLAPSLIPKNWPDQGKIQIQNLSVRYDSSLKP
VLKHVNALISPGQKIGICGRTGSGKSSFSLAFFRMVDMFEGRIIIDGIDIAKLPLHTLRSRLSIILQDPVLFSGTIRFNL
DPEKKCSDSTLWEALEIAQLKLVVKALPGGLDAIITEGGENFSQGQRQLFCLARAFVRKTSIFIMDEATASIDMATENIL
QKVVMTAFADRTVVTIAHRVHTILSADLVMVLKRGAILEFDKPETLLSQKDSVFASFVRADK
;
_entity_poly.pdbx_strand_id   B
#
# COMPACT_ATOMS: atom_id res chain seq x y z
N VAL A 215 -27.06 0.22 -17.18
CA VAL A 215 -27.30 -0.34 -15.85
C VAL A 215 -27.27 -1.86 -15.89
N ARG A 216 -26.57 -2.48 -14.96
CA ARG A 216 -26.57 -3.94 -14.88
C ARG A 216 -26.92 -4.42 -13.49
N PHE A 217 -26.51 -3.70 -12.45
CA PHE A 217 -26.84 -4.07 -11.08
C PHE A 217 -28.28 -3.67 -10.81
N LEU A 218 -29.21 -4.58 -11.12
CA LEU A 218 -30.63 -4.39 -10.86
C LEU A 218 -31.00 -5.23 -9.65
N GLN A 219 -30.73 -4.70 -8.46
CA GLN A 219 -31.23 -5.37 -7.28
C GLN A 219 -32.65 -4.94 -6.92
N PRO A 220 -32.96 -3.63 -6.88
CA PRO A 220 -34.30 -3.23 -6.44
C PRO A 220 -35.40 -3.53 -7.45
N PHE A 221 -35.06 -4.01 -8.65
CA PHE A 221 -36.05 -4.12 -9.72
C PHE A 221 -36.22 -5.55 -10.23
N VAL A 222 -36.38 -6.53 -9.33
CA VAL A 222 -36.55 -7.91 -9.73
C VAL A 222 -37.62 -8.56 -8.85
N ASN A 223 -37.95 -9.81 -9.18
CA ASN A 223 -39.00 -10.57 -8.48
C ASN A 223 -38.56 -10.87 -7.05
N LEU A 224 -39.49 -10.68 -6.11
CA LEU A 224 -39.14 -10.75 -4.69
C LEU A 224 -38.59 -12.11 -4.29
N LEU A 225 -38.74 -13.12 -5.14
CA LEU A 225 -38.02 -14.38 -4.92
C LEU A 225 -36.55 -14.22 -5.27
N SER A 226 -36.25 -13.59 -6.41
CA SER A 226 -34.86 -13.38 -6.79
C SER A 226 -34.18 -12.34 -5.90
N LYS A 227 -34.93 -11.37 -5.37
CA LYS A 227 -34.38 -10.49 -4.36
C LYS A 227 -33.81 -11.26 -3.17
N GLY A 228 -34.26 -12.50 -2.98
CA GLY A 228 -33.74 -13.36 -1.93
C GLY A 228 -32.68 -14.33 -2.42
N THR A 229 -32.92 -14.97 -3.56
CA THR A 229 -32.02 -16.02 -4.04
C THR A 229 -31.04 -15.55 -5.11
N TYR A 230 -31.04 -14.25 -5.43
CA TYR A 230 -30.04 -13.64 -6.30
C TYR A 230 -29.96 -14.34 -7.66
N TRP A 231 -31.14 -14.68 -8.21
CA TRP A 231 -31.17 -15.42 -9.46
C TRP A 231 -30.70 -14.56 -10.63
N TRP A 232 -30.85 -13.24 -10.53
CA TRP A 232 -30.44 -12.35 -11.61
C TRP A 232 -28.93 -12.37 -11.84
N MET A 233 -28.15 -12.93 -10.92
CA MET A 233 -26.71 -13.01 -11.08
C MET A 233 -26.27 -14.17 -11.97
N ASN A 234 -27.17 -15.08 -12.34
CA ASN A 234 -26.80 -16.18 -13.21
C ASN A 234 -26.27 -15.66 -14.54
N ALA A 235 -26.99 -14.72 -15.15
CA ALA A 235 -26.57 -14.19 -16.44
C ALA A 235 -25.22 -13.50 -16.32
N PHE A 236 -25.08 -12.62 -15.32
CA PHE A 236 -23.83 -11.90 -15.13
C PHE A 236 -22.66 -12.86 -14.98
N ILE A 237 -22.81 -13.85 -14.09
CA ILE A 237 -21.67 -14.73 -13.81
C ILE A 237 -21.35 -15.62 -15.02
N LYS A 238 -22.37 -16.05 -15.77
CA LYS A 238 -22.11 -16.85 -16.96
C LYS A 238 -21.38 -16.03 -18.02
N THR A 239 -21.83 -14.79 -18.26
CA THR A 239 -21.11 -13.95 -19.20
C THR A 239 -19.71 -13.65 -18.70
N ALA A 240 -19.55 -13.49 -17.39
CA ALA A 240 -18.25 -13.18 -16.80
C ALA A 240 -17.26 -14.32 -17.00
N HIS A 241 -17.74 -15.57 -17.01
CA HIS A 241 -16.85 -16.69 -17.22
C HIS A 241 -16.06 -16.55 -18.53
N LYS A 242 -16.71 -16.07 -19.59
CA LYS A 242 -16.09 -15.99 -20.90
C LYS A 242 -15.32 -14.68 -21.09
N LYS A 243 -16.00 -13.54 -20.97
CA LYS A 243 -15.41 -12.24 -21.28
C LYS A 243 -14.95 -11.56 -20.01
N PRO A 244 -13.75 -10.99 -19.98
CA PRO A 244 -13.24 -10.38 -18.74
C PRO A 244 -14.03 -9.13 -18.38
N ILE A 245 -14.45 -9.05 -17.11
CA ILE A 245 -15.27 -7.94 -16.65
C ILE A 245 -14.45 -6.66 -16.60
N ASP A 246 -15.11 -5.53 -16.83
CA ASP A 246 -14.49 -4.23 -16.67
C ASP A 246 -15.59 -3.21 -16.41
N LEU A 247 -15.18 -1.95 -16.23
CA LEU A 247 -16.14 -0.89 -15.95
C LEU A 247 -17.06 -0.63 -17.13
N ARG A 248 -16.62 -0.93 -18.34
CA ARG A 248 -17.51 -0.86 -19.50
C ARG A 248 -18.47 -2.04 -19.53
N ALA A 249 -18.03 -3.20 -19.04
CA ALA A 249 -18.89 -4.37 -18.92
C ALA A 249 -19.71 -4.37 -17.64
N ILE A 250 -19.44 -3.45 -16.73
CA ILE A 250 -20.18 -3.34 -15.48
C ILE A 250 -21.28 -2.32 -15.66
N GLY A 251 -22.26 -2.35 -14.75
CA GLY A 251 -23.38 -1.45 -14.80
C GLY A 251 -23.07 -0.08 -14.23
N LYS A 252 -24.13 0.66 -13.93
CA LYS A 252 -24.03 1.94 -13.23
C LYS A 252 -25.06 1.92 -12.11
N LEU A 253 -24.72 2.56 -10.99
CA LEU A 253 -25.52 2.41 -9.79
C LEU A 253 -26.91 3.02 -9.98
N PRO A 254 -27.95 2.40 -9.44
CA PRO A 254 -29.30 2.96 -9.58
C PRO A 254 -29.42 4.29 -8.85
N ILE A 255 -30.51 5.01 -9.17
CA ILE A 255 -30.81 6.26 -8.49
C ILE A 255 -31.08 6.02 -7.01
N ALA A 256 -31.38 4.79 -6.61
CA ALA A 256 -31.66 4.49 -5.22
C ALA A 256 -30.41 4.54 -4.34
N MET A 257 -29.22 4.53 -4.94
CA MET A 257 -27.99 4.50 -4.16
C MET A 257 -26.88 5.15 -4.99
N ARG A 258 -26.60 6.41 -4.68
CA ARG A 258 -25.52 7.15 -5.31
C ARG A 258 -24.80 7.93 -4.23
N ALA A 259 -23.87 8.78 -4.66
CA ALA A 259 -23.35 9.79 -3.74
C ALA A 259 -24.41 10.85 -3.45
N LEU A 260 -25.15 11.27 -4.48
CA LEU A 260 -26.13 12.34 -4.32
C LEU A 260 -27.29 11.92 -3.43
N THR A 261 -27.82 10.70 -3.63
CA THR A 261 -28.99 10.27 -2.87
C THR A 261 -28.68 10.15 -1.38
N ASN A 262 -27.62 9.41 -1.05
CA ASN A 262 -27.25 9.23 0.35
C ASN A 262 -26.81 10.54 0.97
N TYR A 263 -26.07 11.36 0.22
CA TYR A 263 -25.71 12.68 0.73
C TYR A 263 -26.94 13.52 1.00
N GLN A 264 -27.95 13.42 0.14
CA GLN A 264 -29.18 14.19 0.32
C GLN A 264 -29.91 13.77 1.59
N ARG A 265 -30.09 12.47 1.77
CA ARG A 265 -30.77 11.99 2.98
C ARG A 265 -29.99 12.36 4.23
N LEU A 266 -28.67 12.17 4.20
CA LEU A 266 -27.86 12.48 5.38
C LEU A 266 -27.88 13.97 5.70
N CYS A 267 -27.80 14.84 4.68
CA CYS A 267 -27.81 16.26 4.95
C CYS A 267 -29.18 16.73 5.39
N VAL A 268 -30.26 16.09 4.91
CA VAL A 268 -31.59 16.42 5.40
C VAL A 268 -31.71 16.08 6.88
N ALA A 269 -31.24 14.91 7.27
CA ALA A 269 -31.29 14.54 8.69
C ALA A 269 -30.41 15.47 9.53
N PHE A 270 -29.20 15.77 9.05
CA PHE A 270 -28.31 16.66 9.76
C PHE A 270 -28.92 18.05 9.90
N ASP A 271 -29.63 18.51 8.86
CA ASP A 271 -30.29 19.80 8.91
C ASP A 271 -31.43 19.81 9.92
N ALA A 272 -32.28 18.78 9.88
CA ALA A 272 -33.41 18.72 10.80
C ALA A 272 -32.94 18.56 12.25
N GLN A 273 -31.74 18.01 12.46
CA GLN A 273 -31.21 17.89 13.81
C GLN A 273 -30.45 19.13 14.27
N ALA A 274 -29.78 19.83 13.36
CA ALA A 274 -29.02 21.02 13.74
C ALA A 274 -29.89 22.27 13.83
N ARG A 275 -31.03 22.29 13.14
CA ARG A 275 -31.95 23.40 13.31
C ARG A 275 -32.59 23.42 14.69
N LYS A 276 -32.52 22.31 15.43
CA LYS A 276 -33.06 22.22 16.77
C LYS A 276 -31.98 22.42 17.84
N ASP A 277 -30.78 22.83 17.46
CA ASP A 277 -29.70 23.10 18.41
C ASP A 277 -30.03 24.32 19.28
N GLY A 283 -21.67 18.33 17.01
CA GLY A 283 -21.71 17.44 18.15
C GLY A 283 -21.66 15.97 17.77
N ALA A 284 -21.14 15.14 18.68
CA ALA A 284 -21.01 13.71 18.39
C ALA A 284 -22.36 13.01 18.43
N ARG A 285 -23.08 13.17 19.54
CA ARG A 285 -24.40 12.55 19.66
C ARG A 285 -25.34 13.05 18.57
N ALA A 286 -25.21 14.32 18.17
CA ALA A 286 -26.05 14.87 17.12
C ALA A 286 -25.82 14.17 15.79
N ILE A 287 -24.55 14.07 15.37
CA ILE A 287 -24.23 13.37 14.13
C ILE A 287 -24.65 11.92 14.20
N TRP A 288 -24.49 11.30 15.37
CA TRP A 288 -24.90 9.91 15.53
C TRP A 288 -26.40 9.76 15.27
N ARG A 289 -27.23 10.49 16.03
CA ARG A 289 -28.67 10.42 15.84
C ARG A 289 -29.07 10.80 14.43
N ALA A 290 -28.33 11.72 13.79
CA ALA A 290 -28.62 12.08 12.41
C ALA A 290 -28.45 10.89 11.49
N LEU A 291 -27.30 10.20 11.60
CA LEU A 291 -27.09 8.98 10.81
C LEU A 291 -28.18 7.95 11.10
N CYS A 292 -28.55 7.81 12.37
CA CYS A 292 -29.55 6.82 12.76
C CYS A 292 -30.89 7.11 12.08
N HIS A 293 -31.40 8.32 12.25
CA HIS A 293 -32.67 8.70 11.64
C HIS A 293 -32.58 8.76 10.12
N ALA A 294 -31.38 8.91 9.56
CA ALA A 294 -31.25 8.99 8.12
C ALA A 294 -31.26 7.61 7.47
N PHE A 295 -30.69 6.60 8.13
CA PHE A 295 -30.62 5.27 7.54
C PHE A 295 -31.71 4.33 8.05
N GLY A 296 -32.39 4.68 9.14
CA GLY A 296 -33.73 4.20 9.43
C GLY A 296 -34.11 2.76 9.12
N ARG A 297 -35.09 2.62 8.21
CA ARG A 297 -35.87 1.40 8.14
C ARG A 297 -35.04 0.20 7.67
N ARG A 298 -34.07 0.44 6.77
CA ARG A 298 -33.32 -0.66 6.19
C ARG A 298 -32.56 -1.45 7.26
N LEU A 299 -31.93 -0.74 8.19
CA LEU A 299 -31.12 -1.41 9.21
C LEU A 299 -31.98 -2.28 10.13
N ILE A 300 -33.12 -1.75 10.58
CA ILE A 300 -33.98 -2.53 11.46
C ILE A 300 -34.62 -3.69 10.71
N LEU A 301 -34.92 -3.50 9.42
CA LEU A 301 -35.42 -4.60 8.61
C LEU A 301 -34.41 -5.73 8.54
N SER A 302 -33.15 -5.40 8.28
CA SER A 302 -32.10 -6.41 8.29
C SER A 302 -32.02 -7.09 9.65
N SER A 303 -32.09 -6.31 10.72
CA SER A 303 -31.97 -6.87 12.07
C SER A 303 -33.10 -7.85 12.37
N THR A 304 -34.32 -7.56 11.91
CA THR A 304 -35.42 -8.45 12.23
C THR A 304 -35.41 -9.70 11.36
N PHE A 305 -35.03 -9.57 10.07
CA PHE A 305 -34.68 -10.74 9.28
C PHE A 305 -33.72 -11.63 10.06
N ARG A 306 -32.69 -11.01 10.63
CA ARG A 306 -31.63 -11.74 11.31
C ARG A 306 -32.15 -12.47 12.54
N ILE A 307 -32.98 -11.81 13.34
CA ILE A 307 -33.46 -12.46 14.56
C ILE A 307 -34.41 -13.61 14.23
N LEU A 308 -35.24 -13.46 13.20
CA LEU A 308 -36.12 -14.57 12.82
C LEU A 308 -35.30 -15.76 12.34
N ALA A 309 -34.25 -15.50 11.55
CA ALA A 309 -33.36 -16.57 11.13
C ALA A 309 -32.71 -17.26 12.33
N ASP A 310 -32.28 -16.47 13.31
CA ASP A 310 -31.67 -17.04 14.51
C ASP A 310 -32.64 -17.96 15.24
N LEU A 311 -33.90 -17.55 15.34
CA LEU A 311 -34.92 -18.37 15.98
C LEU A 311 -35.06 -19.71 15.26
N LEU A 312 -35.23 -19.68 13.94
CA LEU A 312 -35.39 -20.93 13.21
C LEU A 312 -34.15 -21.82 13.31
N GLY A 313 -32.97 -21.21 13.36
CA GLY A 313 -31.75 -21.99 13.52
C GLY A 313 -31.67 -22.67 14.87
N PHE A 314 -32.09 -21.98 15.94
CA PHE A 314 -32.23 -22.64 17.23
C PHE A 314 -33.32 -23.70 17.19
N ALA A 315 -34.27 -23.59 16.26
CA ALA A 315 -35.38 -24.54 16.20
C ALA A 315 -34.99 -25.87 15.54
N GLY A 316 -34.11 -25.84 14.54
CA GLY A 316 -33.74 -27.06 13.81
C GLY A 316 -33.40 -28.30 14.66
N PRO A 317 -32.41 -28.15 15.55
CA PRO A 317 -32.00 -29.31 16.37
C PRO A 317 -33.12 -29.91 17.21
N LEU A 318 -34.16 -29.15 17.56
CA LEU A 318 -35.23 -29.73 18.37
C LEU A 318 -36.05 -30.72 17.55
N CYS A 319 -36.29 -30.42 16.28
CA CYS A 319 -36.99 -31.39 15.44
C CYS A 319 -36.08 -32.58 15.12
N ILE A 320 -34.77 -32.35 15.04
CA ILE A 320 -33.85 -33.49 15.02
C ILE A 320 -34.09 -34.39 16.23
N PHE A 321 -34.12 -33.78 17.42
CA PHE A 321 -34.36 -34.51 18.66
C PHE A 321 -35.66 -35.29 18.61
N GLY A 322 -36.72 -34.65 18.12
CA GLY A 322 -38.01 -35.32 18.02
C GLY A 322 -37.97 -36.53 17.11
N ILE A 323 -37.32 -36.39 15.96
CA ILE A 323 -37.17 -37.54 15.06
C ILE A 323 -36.43 -38.67 15.77
N VAL A 324 -35.31 -38.34 16.42
CA VAL A 324 -34.52 -39.38 17.07
C VAL A 324 -35.35 -40.08 18.14
N ASP A 325 -36.19 -39.34 18.85
CA ASP A 325 -37.05 -39.96 19.85
C ASP A 325 -38.07 -40.90 19.20
N HIS A 326 -38.73 -40.44 18.13
CA HIS A 326 -39.83 -41.20 17.55
C HIS A 326 -39.37 -42.57 17.07
N LEU A 327 -38.20 -42.64 16.43
CA LEU A 327 -37.76 -43.91 15.86
C LEU A 327 -37.32 -44.89 16.94
N GLY A 328 -36.74 -44.40 18.03
CA GLY A 328 -36.32 -45.28 19.10
C GLY A 328 -37.47 -45.94 19.83
N LYS A 329 -38.66 -45.35 19.77
CA LYS A 329 -39.81 -45.88 20.49
C LYS A 329 -40.92 -46.28 19.52
N ASN A 354 -44.76 -40.14 12.23
CA ASN A 354 -44.70 -38.76 12.71
C ASN A 354 -43.30 -38.21 12.51
N ALA A 355 -42.50 -38.89 11.69
CA ALA A 355 -41.11 -38.52 11.48
C ALA A 355 -40.81 -37.98 10.08
N TYR A 356 -41.47 -38.52 9.04
CA TYR A 356 -41.31 -37.94 7.70
C TYR A 356 -41.73 -36.48 7.69
N VAL A 357 -42.81 -36.16 8.41
CA VAL A 357 -43.28 -34.78 8.53
C VAL A 357 -42.19 -33.91 9.14
N LEU A 358 -41.57 -34.41 10.20
CA LEU A 358 -40.50 -33.66 10.85
C LEU A 358 -39.30 -33.49 9.92
N ALA A 359 -39.03 -34.49 9.06
CA ALA A 359 -37.91 -34.39 8.13
C ALA A 359 -38.16 -33.30 7.10
N VAL A 360 -39.35 -33.29 6.48
CA VAL A 360 -39.63 -32.27 5.48
C VAL A 360 -39.72 -30.90 6.14
N LEU A 361 -40.23 -30.83 7.38
CA LEU A 361 -40.24 -29.56 8.09
C LEU A 361 -38.82 -29.07 8.36
N LEU A 362 -37.90 -29.99 8.69
CA LEU A 362 -36.51 -29.63 8.88
C LEU A 362 -35.92 -29.07 7.59
N PHE A 363 -36.20 -29.72 6.47
CA PHE A 363 -35.75 -29.21 5.17
C PHE A 363 -36.23 -27.78 4.94
N LEU A 364 -37.54 -27.57 5.09
CA LEU A 364 -38.12 -26.25 4.88
C LEU A 364 -37.52 -25.21 5.81
N ALA A 365 -37.38 -25.55 7.09
CA ALA A 365 -36.88 -24.60 8.07
C ALA A 365 -35.42 -24.25 7.80
N LEU A 366 -34.61 -25.24 7.41
CA LEU A 366 -33.23 -24.96 7.04
C LEU A 366 -33.16 -23.97 5.89
N LEU A 367 -33.87 -24.26 4.79
CA LEU A 367 -33.78 -23.39 3.63
C LEU A 367 -34.27 -21.98 3.96
N LEU A 368 -35.37 -21.87 4.70
CA LEU A 368 -35.92 -20.55 5.02
C LEU A 368 -35.02 -19.77 5.96
N GLN A 369 -34.51 -20.42 7.01
CA GLN A 369 -33.60 -19.76 7.94
C GLN A 369 -32.38 -19.22 7.22
N ARG A 370 -31.75 -20.05 6.39
CA ARG A 370 -30.54 -19.60 5.72
C ARG A 370 -30.83 -18.50 4.70
N THR A 371 -31.97 -18.59 4.00
CA THR A 371 -32.34 -17.53 3.07
C THR A 371 -32.51 -16.20 3.80
N PHE A 372 -33.20 -16.22 4.94
CA PHE A 372 -33.40 -14.99 5.70
C PHE A 372 -32.09 -14.45 6.24
N LEU A 373 -31.21 -15.34 6.70
CA LEU A 373 -29.88 -14.91 7.15
C LEU A 373 -29.14 -14.16 6.04
N GLN A 374 -29.18 -14.72 4.82
CA GLN A 374 -28.44 -14.11 3.72
C GLN A 374 -29.04 -12.78 3.30
N ALA A 375 -30.37 -12.71 3.21
CA ALA A 375 -31.00 -11.43 2.92
C ALA A 375 -30.64 -10.39 3.97
N SER A 376 -30.55 -10.80 5.24
CA SER A 376 -30.14 -9.89 6.30
C SER A 376 -28.74 -9.37 6.05
N TYR A 377 -27.79 -10.28 5.80
CA TYR A 377 -26.42 -9.86 5.49
C TYR A 377 -26.42 -8.81 4.38
N TYR A 378 -27.12 -9.11 3.28
CA TYR A 378 -27.03 -8.21 2.13
C TYR A 378 -27.62 -6.85 2.43
N VAL A 379 -28.78 -6.80 3.08
CA VAL A 379 -29.40 -5.52 3.37
C VAL A 379 -28.50 -4.69 4.28
N ALA A 380 -27.87 -5.33 5.27
CA ALA A 380 -26.94 -4.60 6.12
C ALA A 380 -25.74 -4.07 5.34
N ILE A 381 -25.18 -4.90 4.45
CA ILE A 381 -24.02 -4.48 3.67
C ILE A 381 -24.37 -3.29 2.80
N GLU A 382 -25.57 -3.30 2.22
CA GLU A 382 -25.96 -2.21 1.33
C GLU A 382 -26.18 -0.92 2.11
N THR A 383 -26.80 -1.02 3.28
CA THR A 383 -26.91 0.17 4.13
C THR A 383 -25.55 0.71 4.49
N GLY A 384 -24.59 -0.17 4.79
CA GLY A 384 -23.25 0.28 5.10
C GLY A 384 -22.57 0.97 3.93
N ILE A 385 -22.75 0.43 2.72
CA ILE A 385 -22.13 1.05 1.55
C ILE A 385 -22.74 2.42 1.29
N ASN A 386 -24.06 2.52 1.43
CA ASN A 386 -24.70 3.83 1.37
C ASN A 386 -24.06 4.80 2.35
N LEU A 387 -23.91 4.37 3.60
CA LEU A 387 -23.37 5.25 4.63
C LEU A 387 -21.95 5.69 4.30
N ARG A 388 -21.13 4.77 3.78
CA ARG A 388 -19.77 5.13 3.43
C ARG A 388 -19.75 6.19 2.34
N GLY A 389 -20.50 5.96 1.26
CA GLY A 389 -20.57 6.97 0.21
C GLY A 389 -21.04 8.31 0.73
N ALA A 390 -22.07 8.30 1.59
CA ALA A 390 -22.64 9.53 2.10
C ALA A 390 -21.63 10.32 2.93
N ILE A 391 -21.06 9.68 3.96
CA ILE A 391 -20.16 10.43 4.83
C ILE A 391 -18.87 10.80 4.09
N GLN A 392 -18.48 10.02 3.08
CA GLN A 392 -17.30 10.38 2.29
C GLN A 392 -17.54 11.66 1.50
N THR A 393 -18.64 11.72 0.74
CA THR A 393 -18.91 12.95 0.00
C THR A 393 -19.19 14.11 0.95
N LYS A 394 -19.70 13.83 2.15
CA LYS A 394 -19.95 14.91 3.11
C LYS A 394 -18.63 15.50 3.62
N ILE A 395 -17.69 14.66 4.04
CA ILE A 395 -16.41 15.18 4.51
C ILE A 395 -15.61 15.76 3.36
N TYR A 396 -15.91 15.39 2.11
CA TYR A 396 -15.29 16.09 1.00
C TYR A 396 -15.92 17.47 0.78
N ASN A 397 -17.23 17.58 0.99
CA ASN A 397 -17.88 18.88 0.94
C ASN A 397 -17.33 19.80 2.02
N LYS A 398 -17.02 19.25 3.19
CA LYS A 398 -16.41 20.02 4.26
C LYS A 398 -14.98 20.44 3.91
N ILE A 399 -14.29 19.65 3.08
CA ILE A 399 -12.91 19.96 2.71
C ILE A 399 -12.83 21.24 1.89
N MET A 400 -13.95 21.69 1.34
CA MET A 400 -13.95 22.90 0.52
C MET A 400 -13.99 24.17 1.34
N HIS A 401 -14.66 24.15 2.49
CA HIS A 401 -14.88 25.36 3.28
C HIS A 401 -13.88 25.54 4.41
N LEU A 402 -12.93 24.62 4.58
CA LEU A 402 -12.01 24.71 5.71
C LEU A 402 -10.97 25.80 5.46
N SER A 403 -10.33 26.22 6.54
CA SER A 403 -9.36 27.30 6.51
C SER A 403 -7.94 26.75 6.34
N THR A 404 -7.05 27.61 5.86
CA THR A 404 -5.70 27.18 5.52
C THR A 404 -4.81 26.99 6.75
N SER A 405 -5.14 27.64 7.87
CA SER A 405 -4.32 27.51 9.07
C SER A 405 -4.38 26.12 9.69
N ASN A 406 -5.45 25.36 9.42
CA ASN A 406 -5.61 24.04 10.00
C ASN A 406 -5.04 22.95 9.08
N GLU A 411 0.10 19.52 6.52
CA GLU A 411 0.96 18.35 6.51
C GLU A 411 0.41 17.25 7.40
N MET A 412 0.39 17.51 8.71
CA MET A 412 -0.17 16.54 9.64
C MET A 412 -1.68 16.45 9.50
N THR A 413 -2.35 17.59 9.27
CA THR A 413 -3.79 17.57 9.06
C THR A 413 -4.15 16.86 7.77
N ALA A 414 -3.30 16.93 6.74
CA ALA A 414 -3.57 16.21 5.49
C ALA A 414 -3.49 14.71 5.70
N GLY A 415 -2.43 14.25 6.37
CA GLY A 415 -2.34 12.83 6.69
C GLY A 415 -3.47 12.36 7.57
N GLN A 416 -3.88 13.19 8.54
CA GLN A 416 -5.03 12.84 9.37
C GLN A 416 -6.32 12.79 8.57
N ILE A 417 -6.45 13.66 7.55
CA ILE A 417 -7.63 13.65 6.70
C ILE A 417 -7.67 12.36 5.88
N CYS A 418 -6.55 12.00 5.26
CA CYS A 418 -6.53 10.81 4.41
C CYS A 418 -6.57 9.52 5.22
N ASN A 419 -6.15 9.53 6.48
CA ASN A 419 -6.46 8.41 7.35
C ASN A 419 -7.93 8.43 7.77
N LEU A 420 -8.52 9.63 7.87
CA LEU A 420 -9.93 9.74 8.19
C LEU A 420 -10.81 9.17 7.08
N VAL A 421 -10.24 8.94 5.90
CA VAL A 421 -10.97 8.33 4.80
C VAL A 421 -10.53 6.89 4.57
N ALA A 422 -9.30 6.53 4.91
CA ALA A 422 -8.77 5.21 4.60
C ALA A 422 -9.00 4.19 5.72
N ILE A 423 -9.01 4.61 6.98
CA ILE A 423 -9.21 3.70 8.09
C ILE A 423 -10.46 4.05 8.91
N ASP A 424 -10.70 5.34 9.15
CA ASP A 424 -11.85 5.72 9.98
C ASP A 424 -13.18 5.41 9.28
N THR A 425 -13.27 5.74 7.99
CA THR A 425 -14.50 5.46 7.25
C THR A 425 -14.73 3.97 7.07
N ASN A 426 -13.65 3.22 6.82
CA ASN A 426 -13.80 1.76 6.74
C ASN A 426 -14.23 1.17 8.07
N GLN A 427 -13.71 1.70 9.18
CA GLN A 427 -14.17 1.26 10.49
C GLN A 427 -15.66 1.54 10.67
N LEU A 428 -16.08 2.75 10.34
CA LEU A 428 -17.50 3.10 10.43
C LEU A 428 -18.35 2.13 9.62
N MET A 429 -17.95 1.88 8.37
CA MET A 429 -18.77 1.05 7.49
C MET A 429 -18.79 -0.41 7.94
N TRP A 430 -17.67 -0.93 8.41
CA TRP A 430 -17.67 -2.32 8.88
C TRP A 430 -18.43 -2.46 10.19
N PHE A 431 -18.40 -1.43 11.03
CA PHE A 431 -19.27 -1.42 12.20
C PHE A 431 -20.73 -1.41 11.81
N PHE A 432 -21.06 -0.70 10.73
CA PHE A 432 -22.45 -0.73 10.27
C PHE A 432 -22.80 -2.08 9.65
N PHE A 433 -21.82 -2.78 9.07
CA PHE A 433 -22.02 -4.19 8.73
C PHE A 433 -22.43 -4.98 9.95
N LEU A 434 -21.66 -4.88 11.03
CA LEU A 434 -21.85 -5.72 12.21
C LEU A 434 -22.92 -5.22 13.17
N CYS A 435 -23.54 -4.08 12.89
CA CYS A 435 -24.60 -3.56 13.76
C CYS A 435 -25.72 -4.56 14.05
N PRO A 436 -26.37 -5.18 13.06
CA PRO A 436 -27.46 -6.11 13.39
C PRO A 436 -27.01 -7.35 14.14
N ASN A 437 -25.77 -7.77 13.93
CA ASN A 437 -25.24 -8.89 14.69
C ASN A 437 -25.20 -8.57 16.18
N LEU A 438 -24.92 -7.32 16.54
CA LEU A 438 -24.88 -6.94 17.94
C LEU A 438 -26.25 -7.01 18.60
N TRP A 439 -27.32 -6.80 17.83
CA TRP A 439 -28.67 -6.97 18.37
C TRP A 439 -29.10 -8.43 18.40
N ALA A 440 -28.65 -9.23 17.42
CA ALA A 440 -29.10 -10.60 17.30
C ALA A 440 -28.29 -11.60 18.12
N MET A 441 -27.10 -11.22 18.61
CA MET A 441 -26.30 -12.15 19.40
C MET A 441 -26.93 -12.47 20.76
N PRO A 442 -27.36 -11.49 21.56
CA PRO A 442 -27.89 -11.85 22.89
C PRO A 442 -29.09 -12.78 22.85
N VAL A 443 -30.04 -12.53 21.96
CA VAL A 443 -31.20 -13.41 21.86
C VAL A 443 -30.76 -14.81 21.46
N GLN A 444 -29.72 -14.92 20.63
CA GLN A 444 -29.23 -16.23 20.22
C GLN A 444 -28.66 -17.00 21.40
N ILE A 445 -27.79 -16.36 22.19
CA ILE A 445 -27.21 -17.10 23.32
C ILE A 445 -28.26 -17.40 24.38
N ILE A 446 -29.25 -16.51 24.56
CA ILE A 446 -30.30 -16.74 25.56
C ILE A 446 -31.16 -17.94 25.15
N VAL A 447 -31.64 -17.96 23.90
CA VAL A 447 -32.43 -19.08 23.43
C VAL A 447 -31.62 -20.36 23.49
N GLY A 448 -30.32 -20.30 23.15
CA GLY A 448 -29.48 -21.48 23.23
C GLY A 448 -29.41 -22.04 24.63
N VAL A 449 -29.13 -21.19 25.62
CA VAL A 449 -28.97 -21.69 26.99
C VAL A 449 -30.30 -22.22 27.53
N ILE A 450 -31.41 -21.52 27.27
CA ILE A 450 -32.69 -21.99 27.80
C ILE A 450 -33.10 -23.30 27.13
N LEU A 451 -32.78 -23.46 25.84
CA LEU A 451 -33.15 -24.69 25.16
C LEU A 451 -32.31 -25.86 25.66
N LEU A 452 -30.99 -25.66 25.81
CA LEU A 452 -30.16 -26.76 26.27
C LEU A 452 -30.47 -27.13 27.72
N TYR A 453 -30.91 -26.16 28.53
CA TYR A 453 -31.30 -26.50 29.90
C TYR A 453 -32.46 -27.49 29.94
N TYR A 454 -33.48 -27.29 29.09
CA TYR A 454 -34.64 -28.16 29.13
C TYR A 454 -34.40 -29.51 28.48
N ILE A 455 -33.24 -29.71 27.85
CA ILE A 455 -32.91 -30.99 27.25
C ILE A 455 -31.97 -31.81 28.14
N LEU A 456 -31.06 -31.16 28.85
CA LEU A 456 -30.10 -31.85 29.70
C LEU A 456 -30.27 -31.56 31.18
N GLY A 457 -31.15 -30.66 31.56
CA GLY A 457 -31.35 -30.38 32.97
C GLY A 457 -30.26 -29.52 33.57
N VAL A 458 -30.08 -29.67 34.88
CA VAL A 458 -29.14 -28.84 35.63
C VAL A 458 -27.73 -28.95 35.04
N SER A 459 -27.31 -30.17 34.69
CA SER A 459 -25.99 -30.36 34.09
C SER A 459 -25.77 -29.45 32.90
N ALA A 460 -26.81 -29.27 32.08
CA ALA A 460 -26.72 -28.38 30.93
C ALA A 460 -26.15 -27.03 31.32
N LEU A 461 -26.69 -26.44 32.41
CA LEU A 461 -26.21 -25.15 32.89
C LEU A 461 -24.69 -25.13 32.99
N ILE A 462 -24.12 -26.15 33.63
CA ILE A 462 -22.66 -26.20 33.77
C ILE A 462 -21.99 -26.09 32.41
N GLY A 463 -22.40 -26.94 31.47
CA GLY A 463 -21.88 -26.84 30.12
C GLY A 463 -22.10 -25.47 29.52
N ALA A 464 -23.32 -24.93 29.70
CA ALA A 464 -23.64 -23.61 29.16
C ALA A 464 -22.70 -22.53 29.68
N ALA A 465 -22.07 -22.76 30.84
CA ALA A 465 -21.08 -21.81 31.31
C ALA A 465 -19.80 -21.89 30.49
N VAL A 466 -19.27 -23.10 30.31
CA VAL A 466 -17.95 -23.28 29.73
C VAL A 466 -17.85 -22.60 28.39
N ILE A 467 -18.75 -22.94 27.46
CA ILE A 467 -18.75 -22.33 26.14
C ILE A 467 -18.80 -20.81 26.25
N ILE A 468 -19.70 -20.29 27.10
CA ILE A 468 -19.81 -18.84 27.23
C ILE A 468 -18.49 -18.25 27.71
N LEU A 469 -17.79 -18.97 28.59
CA LEU A 469 -16.52 -18.48 29.12
C LEU A 469 -15.47 -18.30 28.04
N LEU A 470 -15.64 -18.93 26.86
CA LEU A 470 -14.68 -18.73 25.79
C LEU A 470 -14.82 -17.36 25.15
N ALA A 471 -16.02 -16.74 25.23
CA ALA A 471 -16.22 -15.49 24.51
C ALA A 471 -15.41 -14.34 25.10
N PRO A 472 -15.40 -14.08 26.41
CA PRO A 472 -14.53 -13.01 26.92
C PRO A 472 -13.05 -13.33 26.71
N VAL A 473 -12.63 -14.56 27.01
CA VAL A 473 -11.23 -14.96 26.84
C VAL A 473 -10.76 -14.63 25.43
N GLN A 474 -11.53 -15.06 24.43
CA GLN A 474 -11.22 -14.72 23.04
C GLN A 474 -10.88 -13.25 22.89
N TYR A 475 -11.76 -12.37 23.39
CA TYR A 475 -11.52 -10.93 23.29
C TYR A 475 -10.14 -10.59 23.83
N PHE A 476 -9.84 -11.05 25.05
CA PHE A 476 -8.51 -10.82 25.63
C PHE A 476 -7.43 -11.22 24.65
N VAL A 477 -7.50 -12.46 24.15
CA VAL A 477 -6.51 -12.94 23.17
C VAL A 477 -6.37 -11.94 22.04
N ALA A 478 -7.50 -11.55 21.45
CA ALA A 478 -7.48 -10.60 20.35
C ALA A 478 -6.68 -9.37 20.70
N THR A 479 -6.95 -8.78 21.87
CA THR A 479 -6.25 -7.56 22.26
C THR A 479 -4.74 -7.79 22.24
N LYS A 480 -4.28 -8.90 22.81
CA LYS A 480 -2.84 -9.18 22.81
C LYS A 480 -2.31 -9.14 21.38
N LEU A 481 -2.98 -9.84 20.46
CA LEU A 481 -2.62 -9.80 19.05
C LEU A 481 -2.36 -8.37 18.61
N SER A 482 -3.36 -7.50 18.80
CA SER A 482 -3.23 -6.10 18.39
C SER A 482 -1.94 -5.50 18.90
N GLN A 483 -1.69 -5.61 20.21
CA GLN A 483 -0.48 -5.08 20.79
C GLN A 483 0.74 -5.58 20.01
N ALA A 484 0.86 -6.90 19.89
CA ALA A 484 1.97 -7.49 19.14
C ALA A 484 2.07 -6.86 17.77
N GLN A 485 0.95 -6.81 17.05
CA GLN A 485 0.92 -6.23 15.71
C GLN A 485 1.64 -4.88 15.70
N ARG A 486 1.22 -3.98 16.60
CA ARG A 486 1.82 -2.65 16.66
C ARG A 486 3.34 -2.75 16.67
N SER A 487 3.87 -3.45 17.67
CA SER A 487 5.31 -3.59 17.79
C SER A 487 5.93 -4.05 16.48
N THR A 488 5.40 -5.15 15.93
CA THR A 488 5.96 -5.70 14.70
C THR A 488 5.98 -4.64 13.62
N LEU A 489 4.85 -3.94 13.42
CA LEU A 489 4.77 -2.94 12.37
C LEU A 489 5.94 -1.98 12.46
N GLU A 490 6.22 -1.49 13.67
CA GLU A 490 7.33 -0.56 13.87
C GLU A 490 8.60 -1.10 13.22
N HIS A 491 9.03 -2.29 13.66
CA HIS A 491 10.25 -2.88 13.11
C HIS A 491 10.18 -2.94 11.60
N SER A 492 9.06 -3.44 11.07
CA SER A 492 8.91 -3.58 9.62
C SER A 492 9.23 -2.26 8.92
N ASN A 493 8.62 -1.17 9.41
CA ASN A 493 8.82 0.12 8.77
C ASN A 493 10.30 0.45 8.67
N GLU A 494 11.03 0.30 9.79
CA GLU A 494 12.44 0.61 9.79
C GLU A 494 13.18 -0.20 8.73
N ARG A 495 12.86 -1.50 8.62
CA ARG A 495 13.51 -2.33 7.62
C ARG A 495 13.37 -1.71 6.23
N LEU A 496 12.14 -1.29 5.90
CA LEU A 496 11.90 -0.71 4.58
C LEU A 496 12.84 0.45 4.31
N LYS A 497 13.05 1.30 5.32
CA LYS A 497 13.97 2.42 5.16
C LYS A 497 15.35 1.92 4.76
N GLN A 498 15.89 0.96 5.53
CA GLN A 498 17.22 0.44 5.26
C GLN A 498 17.29 -0.29 3.93
N THR A 499 16.16 -0.54 3.28
CA THR A 499 16.15 -1.11 1.94
C THR A 499 16.15 -0.02 0.88
N ASN A 500 15.39 1.07 1.11
CA ASN A 500 15.20 2.08 0.08
C ASN A 500 16.53 2.69 -0.36
N GLU A 501 17.51 2.73 0.54
CA GLU A 501 18.83 3.23 0.17
C GLU A 501 19.51 2.27 -0.79
N MET A 502 19.55 0.98 -0.44
CA MET A 502 20.31 0.02 -1.23
C MET A 502 19.77 -0.08 -2.66
N LEU A 503 18.45 -0.05 -2.81
CA LEU A 503 17.83 -0.11 -4.13
C LEU A 503 17.83 1.23 -4.86
N ARG A 504 18.57 2.21 -4.38
CA ARG A 504 18.77 3.45 -5.12
C ARG A 504 20.24 3.73 -5.43
N GLY A 505 21.13 3.50 -4.48
CA GLY A 505 22.55 3.63 -4.74
C GLY A 505 23.12 2.36 -5.33
N MET A 506 22.39 1.76 -6.27
CA MET A 506 22.75 0.47 -6.81
C MET A 506 24.14 0.49 -7.44
N LYS A 507 24.36 1.38 -8.41
CA LYS A 507 25.68 1.46 -9.03
C LYS A 507 26.73 1.87 -8.02
N LEU A 508 26.44 2.86 -7.18
CA LEU A 508 27.35 3.22 -6.11
C LEU A 508 27.68 2.02 -5.24
N LEU A 509 26.65 1.27 -4.84
CA LEU A 509 26.84 0.13 -3.95
C LEU A 509 27.76 -0.91 -4.59
N LYS A 510 27.45 -1.32 -5.82
CA LYS A 510 28.20 -2.38 -6.46
C LYS A 510 29.54 -1.91 -7.04
N LEU A 511 29.78 -0.60 -7.09
CA LEU A 511 31.04 -0.12 -7.65
C LEU A 511 32.23 -0.43 -6.76
N TYR A 512 32.01 -0.69 -5.47
CA TYR A 512 33.07 -1.09 -4.56
C TYR A 512 32.70 -2.33 -3.74
N ALA A 513 31.55 -2.94 -4.02
CA ALA A 513 31.12 -4.19 -3.39
C ALA A 513 31.03 -4.05 -1.87
N TRP A 514 30.48 -2.94 -1.40
CA TRP A 514 30.11 -2.81 -0.01
C TRP A 514 28.72 -3.38 0.26
N GLU A 515 28.17 -4.13 -0.69
CA GLU A 515 26.78 -4.57 -0.60
C GLU A 515 26.58 -5.60 0.52
N SER A 516 27.51 -6.54 0.68
CA SER A 516 27.40 -7.51 1.75
C SER A 516 27.41 -6.85 3.12
N ILE A 517 28.16 -5.75 3.24
CA ILE A 517 28.23 -5.03 4.51
C ILE A 517 26.87 -4.48 4.90
N PHE A 518 26.10 -3.97 3.93
CA PHE A 518 24.76 -3.49 4.21
C PHE A 518 23.76 -4.63 4.36
N CYS A 519 23.97 -5.74 3.65
CA CYS A 519 23.09 -6.88 3.78
C CYS A 519 23.17 -7.48 5.19
N SER A 520 24.36 -7.42 5.80
CA SER A 520 24.47 -7.85 7.19
C SER A 520 23.56 -7.03 8.10
N ARG A 521 23.55 -5.72 7.91
CA ARG A 521 22.68 -4.84 8.70
C ARG A 521 21.21 -5.14 8.43
N VAL A 522 20.86 -5.36 7.15
CA VAL A 522 19.47 -5.69 6.80
C VAL A 522 19.04 -6.99 7.48
N GLU A 523 19.93 -7.98 7.52
CA GLU A 523 19.61 -9.23 8.21
C GLU A 523 19.50 -9.02 9.72
N VAL A 524 20.34 -8.15 10.28
CA VAL A 524 20.21 -7.80 11.70
C VAL A 524 18.81 -7.28 11.97
N THR A 525 18.23 -6.42 11.14
CA THR A 525 16.86 -5.96 11.42
C THR A 525 15.81 -7.10 11.37
N ARG A 526 16.03 -7.98 10.40
CA ARG A 526 15.13 -9.09 10.14
C ARG A 526 14.97 -10.00 11.34
N ARG A 527 16.04 -10.26 12.07
CA ARG A 527 15.95 -11.13 13.24
C ARG A 527 15.02 -10.55 14.31
N LYS A 528 15.07 -9.23 14.51
CA LYS A 528 14.19 -8.56 15.47
C LYS A 528 12.73 -8.71 15.01
N GLU A 529 12.55 -8.54 13.70
CA GLU A 529 11.20 -8.70 13.15
C GLU A 529 10.69 -10.12 13.39
N MET A 530 11.57 -11.12 13.20
CA MET A 530 11.23 -12.52 13.41
C MET A 530 10.85 -12.78 14.85
N THR A 531 11.60 -12.15 15.76
CA THR A 531 11.35 -12.31 17.18
C THR A 531 9.95 -11.84 17.54
N SER A 532 9.50 -10.72 16.96
CA SER A 532 8.13 -10.28 17.32
C SER A 532 7.00 -11.26 16.93
N LEU A 533 7.17 -11.81 15.74
CA LEU A 533 6.31 -12.73 14.97
C LEU A 533 6.09 -14.03 15.74
N ARG A 534 7.08 -14.45 16.53
CA ARG A 534 6.92 -15.66 17.34
C ARG A 534 5.76 -15.49 18.33
N ALA A 535 5.75 -14.39 19.09
CA ALA A 535 4.67 -14.17 20.05
C ALA A 535 3.33 -14.01 19.34
N PHE A 536 3.31 -13.26 18.22
CA PHE A 536 2.07 -13.10 17.47
C PHE A 536 1.51 -14.45 17.04
N ALA A 537 2.35 -15.32 16.49
CA ALA A 537 1.89 -16.62 16.03
C ALA A 537 1.55 -17.53 17.20
N VAL A 538 2.18 -17.33 18.37
CA VAL A 538 1.77 -18.06 19.56
C VAL A 538 0.34 -17.69 19.94
N TYR A 539 0.01 -16.41 19.89
CA TYR A 539 -1.36 -16.00 20.19
C TYR A 539 -2.34 -16.54 19.15
N THR A 540 -1.94 -16.50 17.87
CA THR A 540 -2.78 -17.09 16.83
C THR A 540 -3.03 -18.57 17.09
N SER A 541 -1.98 -19.28 17.51
CA SER A 541 -2.11 -20.70 17.84
C SER A 541 -3.06 -20.92 19.01
N ILE A 542 -2.96 -20.07 20.04
CA ILE A 542 -3.86 -20.19 21.18
C ILE A 542 -5.31 -19.97 20.75
N SER A 543 -5.53 -19.01 19.85
CA SER A 543 -6.88 -18.77 19.34
C SER A 543 -7.42 -19.99 18.61
N ILE A 544 -6.65 -20.49 17.63
CA ILE A 544 -7.10 -21.66 16.86
C ILE A 544 -7.30 -22.85 17.78
N PHE A 545 -6.47 -22.97 18.82
CA PHE A 545 -6.58 -24.09 19.75
C PHE A 545 -7.87 -24.04 20.54
N MET A 546 -8.17 -22.87 21.13
CA MET A 546 -9.42 -22.72 21.88
C MET A 546 -10.62 -22.95 20.98
N ASN A 547 -10.53 -22.52 19.70
CA ASN A 547 -11.63 -22.63 18.75
C ASN A 547 -12.22 -24.04 18.73
N THR A 548 -11.37 -25.06 18.62
CA THR A 548 -11.85 -26.43 18.59
C THR A 548 -11.68 -27.16 19.92
N ALA A 549 -11.06 -26.53 20.92
CA ALA A 549 -10.96 -27.16 22.22
C ALA A 549 -12.23 -26.98 23.04
N ILE A 550 -12.83 -25.80 23.00
CA ILE A 550 -14.05 -25.55 23.78
C ILE A 550 -15.21 -26.45 23.32
N PRO A 551 -15.42 -26.71 22.03
CA PRO A 551 -16.46 -27.69 21.67
C PRO A 551 -16.24 -29.06 22.28
N ILE A 552 -14.99 -29.53 22.34
CA ILE A 552 -14.72 -30.82 22.94
C ILE A 552 -14.91 -30.76 24.45
N ALA A 553 -14.41 -29.70 25.08
CA ALA A 553 -14.47 -29.58 26.53
C ALA A 553 -15.90 -29.47 27.04
N ALA A 554 -16.76 -28.77 26.28
CA ALA A 554 -18.16 -28.67 26.67
C ALA A 554 -18.80 -30.05 26.79
N VAL A 555 -18.68 -30.86 25.73
CA VAL A 555 -19.28 -32.19 25.73
C VAL A 555 -18.63 -33.06 26.81
N LEU A 556 -17.31 -32.97 26.96
CA LEU A 556 -16.63 -33.75 27.99
C LEU A 556 -17.20 -33.45 29.37
N ILE A 557 -17.01 -32.23 29.86
CA ILE A 557 -17.44 -31.87 31.21
C ILE A 557 -18.94 -31.82 31.37
N THR A 558 -19.70 -31.91 30.27
CA THR A 558 -21.16 -31.97 30.41
C THR A 558 -21.66 -33.40 30.50
N PHE A 559 -21.26 -34.27 29.57
CA PHE A 559 -21.74 -35.64 29.60
C PHE A 559 -21.15 -36.41 30.77
N VAL A 560 -19.86 -36.22 31.05
CA VAL A 560 -19.29 -36.89 32.21
C VAL A 560 -19.91 -36.35 33.49
N GLY A 561 -20.20 -35.06 33.52
CA GLY A 561 -20.83 -34.43 34.67
C GLY A 561 -22.34 -34.56 34.75
N HIS A 562 -22.97 -35.19 33.77
CA HIS A 562 -24.42 -35.39 33.79
C HIS A 562 -24.80 -36.78 34.28
N VAL A 563 -24.31 -37.82 33.60
CA VAL A 563 -24.71 -39.18 33.91
C VAL A 563 -23.97 -39.70 35.14
N SER A 564 -22.64 -39.76 35.04
CA SER A 564 -21.82 -40.34 36.10
C SER A 564 -21.61 -39.40 37.29
N PHE A 565 -22.27 -38.24 37.32
CA PHE A 565 -22.13 -37.32 38.44
C PHE A 565 -23.44 -37.07 39.18
N PHE A 566 -24.49 -36.67 38.49
CA PHE A 566 -25.62 -36.02 39.15
C PHE A 566 -26.78 -36.97 39.45
N LYS A 567 -27.36 -37.59 38.42
CA LYS A 567 -28.62 -38.30 38.62
C LYS A 567 -28.69 -39.64 37.88
N GLU A 568 -27.62 -40.08 37.21
CA GLU A 568 -27.58 -41.37 36.54
C GLU A 568 -28.73 -41.54 35.54
N SER A 569 -29.24 -40.41 35.03
CA SER A 569 -30.37 -40.45 34.11
C SER A 569 -29.96 -41.08 32.78
N ASP A 570 -30.81 -41.97 32.28
CA ASP A 570 -30.55 -42.62 31.01
C ASP A 570 -30.56 -41.59 29.88
N LEU A 571 -29.41 -41.43 29.23
CA LEU A 571 -29.22 -40.39 28.21
C LEU A 571 -29.54 -40.99 26.86
N SER A 572 -30.78 -40.77 26.39
CA SER A 572 -31.17 -41.23 25.07
C SER A 572 -30.31 -40.57 24.00
N PRO A 573 -30.11 -41.23 22.85
CA PRO A 573 -29.29 -40.62 21.79
C PRO A 573 -29.75 -39.23 21.39
N SER A 574 -31.06 -38.99 21.46
CA SER A 574 -31.61 -37.70 21.09
C SER A 574 -31.03 -36.57 21.94
N VAL A 575 -30.96 -36.78 23.25
CA VAL A 575 -30.45 -35.74 24.15
C VAL A 575 -29.02 -35.37 23.78
N ALA A 576 -28.15 -36.38 23.69
CA ALA A 576 -26.74 -36.13 23.42
C ALA A 576 -26.54 -35.47 22.07
N PHE A 577 -27.23 -35.95 21.03
CA PHE A 577 -27.01 -35.39 19.70
C PHE A 577 -27.61 -34.00 19.56
N ALA A 578 -28.75 -33.74 20.21
CA ALA A 578 -29.27 -32.38 20.21
C ALA A 578 -28.33 -31.43 20.94
N SER A 579 -27.73 -31.88 22.04
CA SER A 579 -26.73 -31.06 22.72
C SER A 579 -25.54 -30.78 21.82
N LEU A 580 -25.10 -31.79 21.06
CA LEU A 580 -24.00 -31.60 20.12
C LEU A 580 -24.34 -30.53 19.09
N SER A 581 -25.50 -30.67 18.44
CA SER A 581 -25.94 -29.70 17.46
C SER A 581 -25.99 -28.29 18.06
N LEU A 582 -26.63 -28.14 19.22
CA LEU A 582 -26.71 -26.83 19.85
C LEU A 582 -25.33 -26.30 20.21
N PHE A 583 -24.40 -27.17 20.60
CA PHE A 583 -23.05 -26.72 20.90
C PHE A 583 -22.40 -26.08 19.68
N HIS A 584 -22.56 -26.70 18.51
CA HIS A 584 -21.98 -26.09 17.32
C HIS A 584 -22.71 -24.80 16.94
N ILE A 585 -24.05 -24.83 16.99
CA ILE A 585 -24.86 -23.68 16.61
C ILE A 585 -24.63 -22.51 17.56
N LEU A 586 -24.10 -22.76 18.76
CA LEU A 586 -23.74 -21.69 19.69
C LEU A 586 -22.27 -21.30 19.61
N VAL A 587 -21.39 -22.23 19.21
CA VAL A 587 -19.98 -21.90 19.04
C VAL A 587 -19.81 -20.94 17.87
N THR A 588 -20.56 -21.16 16.79
CA THR A 588 -20.42 -20.28 15.62
C THR A 588 -20.65 -18.80 15.95
N PRO A 589 -21.73 -18.40 16.64
CA PRO A 589 -21.91 -16.97 16.92
C PRO A 589 -20.95 -16.42 17.96
N LEU A 590 -20.43 -17.24 18.88
CA LEU A 590 -19.67 -16.73 20.01
C LEU A 590 -18.43 -15.96 19.57
N PHE A 591 -17.70 -16.47 18.58
CA PHE A 591 -16.51 -15.79 18.10
C PHE A 591 -16.82 -14.38 17.62
N LEU A 592 -17.98 -14.19 17.01
CA LEU A 592 -18.29 -12.91 16.38
C LEU A 592 -18.53 -11.79 17.38
N LEU A 593 -18.93 -12.13 18.61
CA LEU A 593 -19.21 -11.10 19.60
C LEU A 593 -17.94 -10.33 19.96
N SER A 594 -16.80 -11.01 20.04
CA SER A 594 -15.54 -10.33 20.38
C SER A 594 -15.18 -9.30 19.32
N SER A 595 -15.13 -9.73 18.06
CA SER A 595 -14.87 -8.81 16.95
C SER A 595 -15.90 -7.71 16.89
N VAL A 596 -17.16 -8.01 17.24
CA VAL A 596 -18.20 -6.98 17.25
C VAL A 596 -17.90 -5.91 18.30
N VAL A 597 -17.50 -6.33 19.49
CA VAL A 597 -17.19 -5.37 20.55
C VAL A 597 -16.01 -4.51 20.13
N ARG A 598 -14.96 -5.13 19.59
CA ARG A 598 -13.80 -4.35 19.15
C ARG A 598 -14.21 -3.36 18.08
N SER A 599 -14.97 -3.83 17.08
CA SER A 599 -15.39 -2.97 15.99
C SER A 599 -16.25 -1.82 16.48
N THR A 600 -17.10 -2.07 17.48
CA THR A 600 -18.00 -1.04 17.98
C THR A 600 -17.23 0.06 18.72
N VAL A 601 -16.29 -0.33 19.59
CA VAL A 601 -15.54 0.69 20.31
C VAL A 601 -14.66 1.48 19.33
N LYS A 602 -14.05 0.79 18.35
CA LYS A 602 -13.23 1.49 17.37
C LYS A 602 -14.07 2.44 16.53
N ALA A 603 -15.30 2.04 16.19
CA ALA A 603 -16.17 2.91 15.41
C ALA A 603 -16.62 4.12 16.23
N LEU A 604 -16.87 3.92 17.52
CA LEU A 604 -17.20 5.05 18.38
C LEU A 604 -16.07 6.08 18.40
N VAL A 605 -14.83 5.59 18.55
CA VAL A 605 -13.69 6.50 18.54
C VAL A 605 -13.56 7.20 17.18
N SER A 606 -13.79 6.46 16.09
CA SER A 606 -13.65 7.06 14.77
C SER A 606 -14.73 8.09 14.48
N VAL A 607 -15.94 7.89 15.00
CA VAL A 607 -16.98 8.89 14.80
C VAL A 607 -16.73 10.12 15.68
N GLN A 608 -16.17 9.94 16.88
CA GLN A 608 -15.73 11.10 17.64
C GLN A 608 -14.69 11.89 16.85
N LYS A 609 -13.76 11.19 16.21
CA LYS A 609 -12.75 11.85 15.39
C LYS A 609 -13.39 12.58 14.21
N LEU A 610 -14.32 11.92 13.52
CA LEU A 610 -15.00 12.54 12.38
C LEU A 610 -15.77 13.78 12.80
N SER A 611 -16.37 13.75 13.99
CA SER A 611 -17.09 14.92 14.48
C SER A 611 -16.14 16.05 14.81
N GLU A 612 -15.01 15.73 15.45
CA GLU A 612 -14.01 16.75 15.75
C GLU A 612 -13.50 17.40 14.47
N PHE A 613 -13.30 16.62 13.42
CA PHE A 613 -12.82 17.17 12.16
C PHE A 613 -13.92 17.97 11.46
N LEU A 614 -15.06 17.32 11.18
CA LEU A 614 -16.14 17.93 10.42
C LEU A 614 -16.65 19.23 11.02
N SER A 615 -16.30 19.53 12.27
CA SER A 615 -16.82 20.70 12.94
C SER A 615 -15.69 21.63 13.39
N SER A 616 -14.73 21.90 12.50
CA SER A 616 -13.64 22.82 12.82
C SER A 616 -13.78 24.13 12.05
N CYS A 678 -11.92 46.92 -11.95
CA CYS A 678 -10.73 46.97 -11.14
C CYS A 678 -10.90 46.21 -9.84
N VAL A 679 -9.80 45.94 -9.14
CA VAL A 679 -9.82 45.27 -7.85
C VAL A 679 -9.59 46.35 -6.78
N GLN A 680 -10.62 46.63 -6.00
CA GLN A 680 -10.59 47.72 -5.02
C GLN A 680 -10.46 47.14 -3.62
N ILE A 681 -9.56 47.72 -2.82
CA ILE A 681 -9.38 47.37 -1.42
C ILE A 681 -9.28 48.64 -0.61
N ILE A 682 -10.08 48.75 0.45
CA ILE A 682 -10.06 49.90 1.34
C ILE A 682 -10.11 49.39 2.78
N GLY A 683 -9.09 49.76 3.57
CA GLY A 683 -9.04 49.40 4.98
C GLY A 683 -8.71 47.95 5.25
N GLY A 684 -7.56 47.48 4.78
CA GLY A 684 -7.21 46.08 4.96
C GLY A 684 -6.92 45.75 6.41
N PHE A 685 -7.54 44.67 6.91
CA PHE A 685 -7.39 44.28 8.30
C PHE A 685 -7.77 42.82 8.45
N PHE A 686 -6.79 41.93 8.66
CA PHE A 686 -7.05 40.52 8.95
C PHE A 686 -5.78 39.89 9.48
N THR A 687 -5.93 38.66 9.98
CA THR A 687 -4.82 37.87 10.50
C THR A 687 -5.15 36.40 10.36
N TRP A 688 -4.19 35.55 10.69
CA TRP A 688 -4.32 34.10 10.54
C TRP A 688 -4.80 33.43 11.83
N THR A 689 -5.90 33.93 12.40
CA THR A 689 -6.49 33.36 13.60
C THR A 689 -7.87 33.95 13.83
N PRO A 690 -8.76 33.23 14.52
CA PRO A 690 -10.02 33.87 14.97
C PRO A 690 -9.79 34.99 15.95
N ASP A 691 -8.63 35.01 16.63
CA ASP A 691 -8.29 36.09 17.55
C ASP A 691 -6.77 36.14 17.67
N GLY A 692 -6.21 37.33 17.59
CA GLY A 692 -4.78 37.50 17.68
C GLY A 692 -4.34 38.82 17.07
N ILE A 693 -3.05 39.09 17.23
CA ILE A 693 -2.49 40.34 16.68
C ILE A 693 -2.56 40.29 15.17
N PRO A 694 -2.93 41.38 14.50
CA PRO A 694 -3.13 41.34 13.04
C PRO A 694 -1.85 41.59 12.26
N THR A 695 -1.75 40.91 11.12
CA THR A 695 -0.66 41.14 10.18
C THR A 695 -1.08 41.98 8.98
N LEU A 696 -2.38 42.05 8.69
CA LEU A 696 -2.93 42.91 7.65
C LEU A 696 -3.44 44.18 8.32
N SER A 697 -2.89 45.34 7.91
CA SER A 697 -3.21 46.59 8.59
C SER A 697 -3.23 47.72 7.59
N ASN A 698 -4.41 48.31 7.38
CA ASN A 698 -4.58 49.57 6.64
C ASN A 698 -4.01 49.47 5.23
N ILE A 699 -4.64 48.62 4.43
CA ILE A 699 -4.26 48.42 3.03
C ILE A 699 -5.38 48.93 2.15
N THR A 700 -5.04 49.82 1.21
CA THR A 700 -5.98 50.36 0.24
C THR A 700 -5.28 50.38 -1.11
N ILE A 701 -5.81 49.62 -2.06
CA ILE A 701 -5.12 49.40 -3.34
C ILE A 701 -6.16 49.26 -4.44
N ARG A 702 -5.88 49.89 -5.58
CA ARG A 702 -6.72 49.78 -6.78
C ARG A 702 -5.93 49.09 -7.88
N ILE A 703 -6.51 48.04 -8.44
CA ILE A 703 -5.89 47.26 -9.51
C ILE A 703 -6.75 47.39 -10.76
N PRO A 704 -6.53 48.40 -11.59
CA PRO A 704 -7.34 48.56 -12.79
C PRO A 704 -7.05 47.49 -13.84
N ARG A 705 -7.94 47.43 -14.83
CA ARG A 705 -7.84 46.44 -15.90
C ARG A 705 -6.65 46.76 -16.82
N GLY A 706 -6.05 45.70 -17.36
CA GLY A 706 -4.98 45.84 -18.34
C GLY A 706 -3.79 46.61 -17.82
N GLN A 707 -3.10 46.05 -16.84
CA GLN A 707 -2.06 46.78 -16.14
C GLN A 707 -1.17 45.79 -15.39
N LEU A 708 0.14 45.88 -15.63
CA LEU A 708 1.10 45.06 -14.89
C LEU A 708 1.37 45.70 -13.54
N THR A 709 1.18 44.93 -12.47
CA THR A 709 1.34 45.42 -11.11
C THR A 709 2.33 44.54 -10.35
N MET A 710 3.52 45.06 -10.12
CA MET A 710 4.51 44.37 -9.31
C MET A 710 4.30 44.69 -7.84
N ILE A 711 4.68 43.75 -6.99
CA ILE A 711 4.72 43.97 -5.55
C ILE A 711 6.12 43.64 -5.09
N VAL A 712 6.79 44.60 -4.46
CA VAL A 712 8.17 44.45 -4.04
C VAL A 712 8.30 44.82 -2.57
N GLY A 713 9.32 44.26 -1.93
CA GLY A 713 9.54 44.52 -0.52
C GLY A 713 10.56 43.54 0.03
N GLN A 714 10.63 43.50 1.36
CA GLN A 714 11.54 42.62 2.06
C GLN A 714 10.89 41.26 2.29
N VAL A 715 11.60 40.37 2.96
CA VAL A 715 11.09 39.04 3.26
C VAL A 715 10.19 39.14 4.50
N GLY A 716 8.90 38.88 4.32
CA GLY A 716 7.95 38.96 5.41
C GLY A 716 7.22 40.29 5.49
N CYS A 717 6.69 40.75 4.36
CA CYS A 717 5.99 42.03 4.28
C CYS A 717 4.56 41.87 3.80
N GLY A 718 4.00 40.66 3.88
CA GLY A 718 2.63 40.45 3.46
C GLY A 718 2.40 40.57 1.97
N LYS A 719 3.32 40.04 1.16
CA LYS A 719 3.11 40.04 -0.29
C LYS A 719 2.13 38.95 -0.69
N SER A 720 2.48 37.69 -0.42
CA SER A 720 1.57 36.59 -0.73
C SER A 720 0.34 36.63 0.16
N SER A 721 0.46 37.18 1.37
CA SER A 721 -0.70 37.37 2.22
C SER A 721 -1.69 38.33 1.57
N LEU A 722 -1.19 39.46 1.06
CA LEU A 722 -2.03 40.36 0.30
C LEU A 722 -2.58 39.70 -0.96
N LEU A 723 -1.79 38.81 -1.57
CA LEU A 723 -2.26 38.08 -2.74
C LEU A 723 -3.48 37.24 -2.39
N LEU A 724 -3.39 36.46 -1.31
CA LEU A 724 -4.50 35.60 -0.91
C LEU A 724 -5.68 36.40 -0.37
N ALA A 725 -5.42 37.59 0.18
CA ALA A 725 -6.52 38.42 0.66
C ALA A 725 -7.27 39.07 -0.51
N THR A 726 -6.54 39.50 -1.55
CA THR A 726 -7.19 39.97 -2.77
C THR A 726 -8.03 38.87 -3.40
N LEU A 727 -7.67 37.61 -3.15
CA LEU A 727 -8.38 36.47 -3.71
C LEU A 727 -9.72 36.23 -3.03
N GLY A 728 -9.92 36.81 -1.84
CA GLY A 728 -11.02 36.41 -0.99
C GLY A 728 -10.73 35.21 -0.12
N GLU A 729 -9.52 34.66 -0.20
CA GLU A 729 -9.17 33.48 0.58
C GLU A 729 -9.22 33.75 2.08
N MET A 730 -8.89 34.97 2.48
CA MET A 730 -8.88 35.35 3.90
C MET A 730 -9.88 36.50 4.09
N GLN A 731 -11.05 36.17 4.66
CA GLN A 731 -12.10 37.16 4.91
C GLN A 731 -11.62 38.16 5.96
N LYS A 732 -11.36 39.39 5.54
CA LYS A 732 -10.78 40.39 6.42
C LYS A 732 -11.75 40.78 7.54
N VAL A 733 -11.18 41.22 8.66
CA VAL A 733 -11.99 41.56 9.82
C VAL A 733 -12.80 42.82 9.56
N SER A 734 -12.13 43.94 9.29
CA SER A 734 -12.78 45.24 9.09
C SER A 734 -12.17 45.87 7.84
N GLY A 735 -12.85 45.72 6.71
CA GLY A 735 -12.38 46.31 5.46
C GLY A 735 -13.28 45.89 4.33
N ALA A 736 -13.11 46.59 3.20
CA ALA A 736 -13.91 46.35 2.01
C ALA A 736 -13.02 45.94 0.85
N VAL A 737 -13.48 44.94 0.09
CA VAL A 737 -12.74 44.43 -1.06
C VAL A 737 -13.71 43.99 -2.14
N PHE A 738 -13.57 44.56 -3.34
CA PHE A 738 -14.42 44.24 -4.46
C PHE A 738 -13.57 43.95 -5.69
N TRP A 739 -14.15 43.22 -6.64
CA TRP A 739 -13.52 43.04 -7.94
C TRP A 739 -14.57 42.66 -8.98
N GLY A 768 -15.15 35.96 -8.32
CA GLY A 768 -14.93 35.58 -9.70
C GLY A 768 -13.84 34.54 -9.89
N PRO A 769 -13.84 33.87 -11.05
CA PRO A 769 -12.84 32.84 -11.33
C PRO A 769 -11.52 33.45 -11.78
N VAL A 770 -10.51 33.34 -10.92
CA VAL A 770 -9.24 34.02 -11.10
C VAL A 770 -8.12 32.97 -11.16
N ALA A 771 -7.28 33.07 -12.18
CA ALA A 771 -6.15 32.15 -12.31
C ALA A 771 -5.06 32.51 -11.32
N TYR A 772 -4.43 31.49 -10.74
CA TYR A 772 -3.49 31.74 -9.66
C TYR A 772 -2.49 30.59 -9.58
N ALA A 773 -1.21 30.92 -9.63
CA ALA A 773 -0.13 29.98 -9.37
C ALA A 773 0.51 30.36 -8.04
N SER A 774 0.52 29.42 -7.10
CA SER A 774 1.02 29.69 -5.75
C SER A 774 2.54 29.70 -5.72
N GLN A 775 3.07 30.07 -4.55
CA GLN A 775 4.53 30.09 -4.39
C GLN A 775 5.10 28.68 -4.45
N LYS A 776 4.52 27.76 -3.67
CA LYS A 776 4.94 26.37 -3.72
C LYS A 776 4.18 25.67 -4.83
N PRO A 777 4.85 25.11 -5.83
CA PRO A 777 4.13 24.55 -6.98
C PRO A 777 3.48 23.21 -6.63
N TRP A 778 2.31 22.98 -7.21
CA TRP A 778 1.59 21.73 -6.99
C TRP A 778 1.17 21.15 -8.33
N LEU A 779 1.04 19.82 -8.35
CA LEU A 779 0.70 19.08 -9.55
C LEU A 779 -0.41 18.08 -9.23
N LEU A 780 -0.94 17.45 -10.27
CA LEU A 780 -1.94 16.40 -10.13
C LEU A 780 -1.31 15.04 -10.41
N ASN A 781 -2.12 14.00 -10.30
CA ASN A 781 -1.71 12.65 -10.63
C ASN A 781 -2.17 12.32 -12.05
N ALA A 782 -1.56 13.03 -13.00
CA ALA A 782 -1.98 12.96 -14.39
C ALA A 782 -0.81 13.35 -15.28
N THR A 783 -1.10 13.65 -16.55
CA THR A 783 -0.07 13.95 -17.54
C THR A 783 0.25 15.44 -17.55
N VAL A 784 1.24 15.82 -18.36
CA VAL A 784 1.64 17.21 -18.48
C VAL A 784 0.58 18.02 -19.21
N GLU A 785 0.13 17.51 -20.36
CA GLU A 785 -0.94 18.17 -21.11
C GLU A 785 -2.17 18.36 -20.23
N GLU A 786 -2.45 17.40 -19.36
CA GLU A 786 -3.63 17.49 -18.49
C GLU A 786 -3.46 18.59 -17.45
N ASN A 787 -2.31 18.61 -16.77
CA ASN A 787 -2.06 19.65 -15.78
C ASN A 787 -2.08 21.04 -16.39
N ILE A 788 -1.61 21.16 -17.64
CA ILE A 788 -1.57 22.48 -18.25
C ILE A 788 -2.95 22.87 -18.79
N THR A 789 -3.74 21.90 -19.22
CA THR A 789 -5.10 22.21 -19.69
C THR A 789 -6.04 22.42 -18.51
N PHE A 790 -5.98 21.55 -17.49
CA PHE A 790 -6.74 21.70 -16.25
C PHE A 790 -8.24 21.78 -16.52
N GLU A 791 -8.77 20.67 -17.05
CA GLU A 791 -10.19 20.52 -17.34
C GLU A 791 -10.68 21.61 -18.29
N SER A 792 -9.88 21.91 -19.31
CA SER A 792 -10.25 22.85 -20.35
C SER A 792 -10.19 22.18 -21.71
N PRO A 793 -11.10 22.51 -22.62
CA PRO A 793 -11.04 21.94 -23.97
C PRO A 793 -9.72 22.27 -24.64
N PHE A 794 -9.11 21.27 -25.25
CA PHE A 794 -7.77 21.42 -25.79
C PHE A 794 -7.79 22.36 -27.00
N ASN A 795 -6.65 23.02 -27.21
CA ASN A 795 -6.45 23.88 -28.37
C ASN A 795 -5.13 23.53 -29.02
N LYS A 796 -5.06 23.76 -30.33
CA LYS A 796 -3.82 23.56 -31.07
C LYS A 796 -2.91 24.76 -30.93
N GLN A 797 -3.33 25.90 -31.47
CA GLN A 797 -2.48 27.09 -31.47
C GLN A 797 -2.30 27.64 -30.06
N ARG A 798 -3.37 27.69 -29.28
CA ARG A 798 -3.27 28.23 -27.93
C ARG A 798 -2.32 27.41 -27.06
N TYR A 799 -2.52 26.09 -27.03
CA TYR A 799 -1.68 25.25 -26.20
C TYR A 799 -0.24 25.22 -26.69
N LYS A 800 -0.03 25.18 -28.01
CA LYS A 800 1.34 25.20 -28.51
C LYS A 800 2.01 26.54 -28.19
N MET A 801 1.26 27.64 -28.25
CA MET A 801 1.79 28.94 -27.87
C MET A 801 2.21 28.96 -26.41
N VAL A 802 1.37 28.42 -25.53
CA VAL A 802 1.71 28.41 -24.11
C VAL A 802 2.92 27.51 -23.85
N ILE A 803 3.00 26.39 -24.56
CA ILE A 803 4.14 25.47 -24.38
C ILE A 803 5.44 26.15 -24.80
N GLU A 804 5.43 26.80 -25.96
CA GLU A 804 6.65 27.42 -26.48
C GLU A 804 7.02 28.67 -25.68
N ALA A 805 6.02 29.42 -25.20
CA ALA A 805 6.29 30.66 -24.48
C ALA A 805 6.79 30.43 -23.06
N CYS A 806 6.69 29.20 -22.55
CA CYS A 806 7.15 28.87 -21.21
C CYS A 806 8.52 28.21 -21.21
N SER A 807 9.18 28.14 -22.36
CA SER A 807 10.49 27.49 -22.48
C SER A 807 10.44 26.06 -21.96
N LEU A 808 9.37 25.36 -22.29
CA LEU A 808 9.10 24.06 -21.70
C LEU A 808 9.11 22.90 -22.69
N GLN A 809 8.96 23.16 -23.99
CA GLN A 809 8.89 22.06 -24.96
C GLN A 809 10.16 21.21 -25.00
N PRO A 810 11.37 21.77 -25.04
CA PRO A 810 12.56 20.89 -25.09
C PRO A 810 12.69 19.97 -23.88
N ASP A 811 12.57 20.53 -22.67
CA ASP A 811 12.65 19.68 -21.48
C ASP A 811 11.48 18.71 -21.39
N ILE A 812 10.33 19.08 -21.95
CA ILE A 812 9.21 18.14 -22.03
C ILE A 812 9.57 16.96 -22.92
N ASP A 813 10.28 17.23 -24.03
CA ASP A 813 10.74 16.17 -24.90
C ASP A 813 11.93 15.40 -24.33
N ILE A 814 12.59 15.93 -23.29
CA ILE A 814 13.70 15.22 -22.67
C ILE A 814 13.19 14.02 -21.86
N LEU A 815 11.95 14.11 -21.35
CA LEU A 815 11.39 13.07 -20.50
C LEU A 815 11.36 11.71 -21.21
N PRO A 816 11.29 10.61 -20.46
CA PRO A 816 11.23 9.28 -21.10
C PRO A 816 10.05 9.12 -22.04
N HIS A 817 8.90 9.70 -21.71
CA HIS A 817 7.76 9.79 -22.61
C HIS A 817 7.68 11.22 -23.13
N GLY A 818 7.75 11.36 -24.46
CA GLY A 818 7.79 12.69 -25.06
C GLY A 818 6.66 13.58 -24.58
N ASP A 819 5.44 13.05 -24.54
CA ASP A 819 4.32 13.76 -23.97
C ASP A 819 3.39 12.74 -23.33
N GLN A 820 2.35 13.25 -22.65
CA GLN A 820 1.44 12.43 -21.89
C GLN A 820 2.17 11.56 -20.88
N THR A 821 3.31 12.06 -20.39
CA THR A 821 4.07 11.35 -19.37
C THR A 821 3.35 11.45 -18.04
N GLN A 822 3.23 10.33 -17.34
CA GLN A 822 2.51 10.28 -16.07
C GLN A 822 3.34 10.98 -15.01
N ILE A 823 3.04 12.25 -14.75
CA ILE A 823 3.75 13.00 -13.71
C ILE A 823 3.56 12.30 -12.38
N GLY A 824 4.67 11.97 -11.72
CA GLY A 824 4.62 11.26 -10.47
C GLY A 824 3.93 12.01 -9.36
N GLU A 825 3.79 11.37 -8.21
CA GLU A 825 3.17 12.00 -7.04
C GLU A 825 4.04 13.18 -6.58
N ARG A 826 3.49 14.39 -6.72
CA ARG A 826 4.11 15.66 -6.34
C ARG A 826 5.23 16.06 -7.30
N GLY A 827 5.57 15.20 -8.25
CA GLY A 827 6.63 15.50 -9.20
C GLY A 827 8.01 15.04 -8.76
N ILE A 828 8.13 13.76 -8.40
CA ILE A 828 9.43 13.23 -7.98
C ILE A 828 10.36 13.07 -9.18
N ASN A 829 9.81 12.61 -10.31
CA ASN A 829 10.59 12.50 -11.54
C ASN A 829 10.66 13.81 -12.32
N LEU A 830 10.44 14.95 -11.65
CA LEU A 830 10.64 16.27 -12.23
C LEU A 830 11.41 17.13 -11.23
N SER A 831 11.99 18.21 -11.75
CA SER A 831 12.72 19.16 -10.93
C SER A 831 11.83 20.33 -10.53
N GLY A 832 12.37 21.17 -9.64
CA GLY A 832 11.59 22.31 -9.17
C GLY A 832 11.28 23.31 -10.27
N GLY A 833 12.28 23.60 -11.12
CA GLY A 833 12.04 24.54 -12.20
C GLY A 833 11.00 24.06 -13.18
N GLN A 834 10.98 22.75 -13.46
CA GLN A 834 9.96 22.19 -14.34
C GLN A 834 8.57 22.31 -13.74
N ARG A 835 8.45 22.02 -12.44
CA ARG A 835 7.17 22.17 -11.77
C ARG A 835 6.71 23.63 -11.80
N GLN A 836 7.64 24.56 -11.58
CA GLN A 836 7.28 25.98 -11.63
C GLN A 836 6.82 26.39 -13.03
N ARG A 837 7.54 25.94 -14.06
CA ARG A 837 7.15 26.29 -15.42
C ARG A 837 5.80 25.68 -15.78
N ILE A 838 5.54 24.46 -15.32
CA ILE A 838 4.24 23.84 -15.56
C ILE A 838 3.14 24.62 -14.86
N SER A 839 3.39 25.08 -13.63
CA SER A 839 2.39 25.88 -12.92
C SER A 839 2.13 27.19 -13.63
N VAL A 840 3.19 27.86 -14.10
CA VAL A 840 3.02 29.13 -14.80
C VAL A 840 2.28 28.91 -16.11
N ALA A 841 2.56 27.79 -16.78
CA ALA A 841 1.83 27.46 -18.00
C ALA A 841 0.36 27.21 -17.72
N ARG A 842 0.06 26.53 -16.62
CA ARG A 842 -1.33 26.33 -16.23
C ARG A 842 -2.02 27.66 -15.97
N ALA A 843 -1.32 28.57 -15.28
CA ALA A 843 -1.90 29.88 -14.99
C ALA A 843 -2.13 30.68 -16.26
N LEU A 844 -1.19 30.62 -17.20
CA LEU A 844 -1.27 31.42 -18.42
C LEU A 844 -2.26 30.83 -19.42
N TYR A 845 -2.44 29.52 -19.41
CA TYR A 845 -3.25 28.85 -20.43
C TYR A 845 -4.74 29.06 -20.20
N GLN A 846 -5.14 29.30 -18.95
CA GLN A 846 -6.56 29.43 -18.64
C GLN A 846 -7.12 30.76 -19.11
N GLN A 847 -8.34 30.73 -19.62
CA GLN A 847 -9.01 31.91 -20.14
C GLN A 847 -9.75 32.61 -18.99
N THR A 848 -9.25 33.76 -18.56
CA THR A 848 -9.86 34.50 -17.47
C THR A 848 -9.36 35.94 -17.50
N ASN A 849 -9.86 36.75 -16.56
CA ASN A 849 -9.45 38.15 -16.52
C ASN A 849 -8.17 38.33 -15.71
N VAL A 850 -8.13 37.78 -14.50
CA VAL A 850 -7.09 38.08 -13.53
C VAL A 850 -6.18 36.87 -13.37
N VAL A 851 -4.88 37.12 -13.29
CA VAL A 851 -3.87 36.10 -13.06
C VAL A 851 -2.93 36.57 -11.96
N PHE A 852 -2.68 35.69 -10.99
CA PHE A 852 -1.68 35.92 -9.96
C PHE A 852 -0.57 34.87 -10.10
N LEU A 853 0.67 35.31 -9.93
CA LEU A 853 1.83 34.42 -9.99
C LEU A 853 2.72 34.73 -8.80
N ASP A 854 2.78 33.81 -7.84
CA ASP A 854 3.50 34.03 -6.59
C ASP A 854 4.97 33.69 -6.79
N ASP A 855 5.74 34.68 -7.26
CA ASP A 855 7.16 34.57 -7.54
C ASP A 855 7.46 33.38 -8.46
N PRO A 856 7.09 33.47 -9.74
CA PRO A 856 7.39 32.39 -10.68
C PRO A 856 8.81 32.39 -11.23
N PHE A 857 9.72 33.20 -10.67
CA PHE A 857 11.08 33.29 -11.16
C PHE A 857 12.10 32.95 -10.08
N SER A 858 11.72 32.07 -9.15
CA SER A 858 12.61 31.70 -8.06
C SER A 858 13.51 30.53 -8.41
N ALA A 859 13.01 29.57 -9.19
CA ALA A 859 13.78 28.41 -9.61
C ALA A 859 14.04 28.43 -11.11
N LEU A 860 14.28 29.62 -11.67
CA LEU A 860 14.60 29.76 -13.09
C LEU A 860 15.88 30.56 -13.23
N ASP A 861 16.55 30.36 -14.36
CA ASP A 861 17.80 31.06 -14.65
C ASP A 861 17.49 32.49 -15.08
N VAL A 862 18.52 33.20 -15.54
CA VAL A 862 18.30 34.55 -16.07
C VAL A 862 17.71 34.48 -17.47
N HIS A 863 18.20 33.55 -18.30
CA HIS A 863 17.74 33.47 -19.69
C HIS A 863 16.28 33.03 -19.76
N LEU A 864 15.93 31.97 -19.03
CA LEU A 864 14.56 31.49 -19.05
C LEU A 864 13.60 32.51 -18.46
N SER A 865 14.01 33.20 -17.38
CA SER A 865 13.14 34.22 -16.79
C SER A 865 12.94 35.39 -17.76
N ASP A 866 14.00 35.82 -18.44
CA ASP A 866 13.86 36.88 -19.42
C ASP A 866 12.92 36.47 -20.55
N HIS A 867 13.13 35.28 -21.11
CA HIS A 867 12.29 34.80 -22.19
C HIS A 867 10.85 34.65 -21.74
N LEU A 868 10.63 34.25 -20.48
CA LEU A 868 9.27 34.08 -19.97
C LEU A 868 8.58 35.43 -19.80
N MET A 869 9.26 36.38 -19.16
CA MET A 869 8.68 37.70 -18.97
C MET A 869 8.48 38.43 -20.30
N GLN A 870 9.27 38.08 -21.33
CA GLN A 870 9.11 38.74 -22.62
C GLN A 870 8.00 38.11 -23.44
N ALA A 871 8.05 36.79 -23.65
CA ALA A 871 7.12 36.13 -24.55
C ALA A 871 5.78 35.84 -23.88
N GLY A 872 5.82 35.29 -22.66
CA GLY A 872 4.59 34.89 -22.01
C GLY A 872 3.89 36.01 -21.26
N ILE A 873 4.64 36.98 -20.75
CA ILE A 873 4.07 38.00 -19.88
C ILE A 873 3.81 39.29 -20.67
N LEU A 874 4.86 39.87 -21.23
CA LEU A 874 4.72 41.14 -21.94
C LEU A 874 4.16 40.98 -23.34
N GLU A 875 4.17 39.77 -23.90
CA GLU A 875 3.67 39.55 -25.26
C GLU A 875 2.40 38.73 -25.31
N LEU A 876 2.19 37.80 -24.38
CA LEU A 876 1.01 36.95 -24.39
C LEU A 876 -0.04 37.40 -23.39
N LEU A 877 0.35 37.67 -22.15
CA LEU A 877 -0.59 38.22 -21.17
C LEU A 877 -1.02 39.62 -21.56
N ARG A 878 -0.04 40.48 -21.88
CA ARG A 878 -0.32 41.83 -22.35
C ARG A 878 -1.06 41.84 -23.69
N ASP A 879 -1.10 40.71 -24.39
CA ASP A 879 -1.83 40.64 -25.66
C ASP A 879 -3.32 40.77 -25.45
N ASP A 880 -3.91 39.85 -24.69
CA ASP A 880 -5.36 39.81 -24.47
C ASP A 880 -5.85 40.83 -23.47
N LYS A 881 -4.97 41.70 -22.98
CA LYS A 881 -5.32 42.74 -22.00
C LYS A 881 -5.93 42.11 -20.74
N ARG A 882 -5.14 41.25 -20.11
CA ARG A 882 -5.49 40.67 -18.82
C ARG A 882 -5.00 41.59 -17.70
N THR A 883 -5.50 41.34 -16.49
CA THR A 883 -5.05 42.05 -15.30
C THR A 883 -4.01 41.18 -14.60
N VAL A 884 -2.76 41.35 -15.01
CA VAL A 884 -1.66 40.56 -14.48
C VAL A 884 -1.15 41.22 -13.20
N VAL A 885 -1.13 40.46 -12.11
CA VAL A 885 -0.56 40.91 -10.86
C VAL A 885 0.53 39.90 -10.50
N LEU A 886 1.78 40.28 -10.71
CA LEU A 886 2.91 39.42 -10.44
C LEU A 886 3.75 40.01 -9.31
N VAL A 887 4.17 39.16 -8.39
CA VAL A 887 4.96 39.55 -7.24
C VAL A 887 6.32 38.86 -7.34
N THR A 888 7.38 39.66 -7.33
CA THR A 888 8.75 39.14 -7.43
C THR A 888 9.69 40.27 -7.02
N HIS A 889 10.98 40.06 -7.25
CA HIS A 889 12.00 41.07 -6.92
C HIS A 889 13.14 40.93 -7.92
N LYS A 890 13.11 41.75 -8.97
CA LYS A 890 14.16 41.77 -9.98
C LYS A 890 14.33 43.21 -10.45
N LEU A 891 15.19 43.39 -11.45
CA LEU A 891 15.46 44.71 -12.04
C LEU A 891 14.71 44.94 -13.35
N GLN A 892 14.71 43.94 -14.23
CA GLN A 892 14.11 44.09 -15.55
C GLN A 892 12.61 44.34 -15.51
N TYR A 893 11.95 43.95 -14.42
CA TYR A 893 10.50 44.00 -14.35
C TYR A 893 9.99 45.30 -13.77
N LEU A 894 10.83 46.06 -13.07
CA LEU A 894 10.38 47.32 -12.48
C LEU A 894 9.92 48.33 -13.52
N PRO A 895 10.67 48.62 -14.59
CA PRO A 895 10.18 49.58 -15.59
C PRO A 895 9.13 49.02 -16.53
N HIS A 896 8.78 47.74 -16.43
CA HIS A 896 7.80 47.13 -17.32
C HIS A 896 6.38 47.14 -16.75
N ALA A 897 6.21 47.48 -15.48
CA ALA A 897 4.90 47.48 -14.85
C ALA A 897 4.34 48.91 -14.82
N ASP A 898 3.11 49.03 -14.30
CA ASP A 898 2.43 50.31 -14.17
C ASP A 898 2.35 50.79 -12.74
N TRP A 899 1.97 49.93 -11.80
CA TRP A 899 1.83 50.29 -10.40
C TRP A 899 2.87 49.54 -9.57
N ILE A 900 3.60 50.28 -8.74
CA ILE A 900 4.58 49.71 -7.82
C ILE A 900 3.96 49.71 -6.43
N ILE A 901 4.10 48.60 -5.73
CA ILE A 901 3.54 48.43 -4.39
C ILE A 901 4.67 48.02 -3.45
N ALA A 902 5.00 48.88 -2.50
CA ALA A 902 6.05 48.62 -1.52
C ALA A 902 5.42 48.25 -0.18
N MET A 903 5.85 47.13 0.37
CA MET A 903 5.30 46.62 1.63
C MET A 903 6.40 46.57 2.67
N LYS A 904 6.06 46.93 3.91
CA LYS A 904 6.99 46.87 5.03
C LYS A 904 6.21 46.56 6.30
N ASP A 905 6.54 45.44 6.94
CA ASP A 905 5.90 45.02 8.19
C ASP A 905 4.38 44.93 8.04
N GLY A 906 3.94 44.40 6.90
CA GLY A 906 2.51 44.26 6.66
C GLY A 906 1.78 45.55 6.39
N THR A 907 2.49 46.60 5.98
CA THR A 907 1.89 47.89 5.69
C THR A 907 2.43 48.43 4.38
N ILE A 908 1.57 49.10 3.63
CA ILE A 908 1.95 49.71 2.35
C ILE A 908 2.72 51.00 2.66
N GLN A 909 4.03 50.97 2.44
CA GLN A 909 4.86 52.14 2.75
C GLN A 909 4.52 53.29 1.82
N ARG A 910 4.67 53.08 0.52
CA ARG A 910 4.27 54.04 -0.50
C ARG A 910 3.45 53.32 -1.56
N GLU A 911 2.82 54.10 -2.43
CA GLU A 911 1.95 53.55 -3.45
C GLU A 911 1.88 54.51 -4.62
N GLY A 912 1.65 53.95 -5.80
CA GLY A 912 1.47 54.72 -7.00
C GLY A 912 2.13 54.03 -8.18
N THR A 913 2.46 54.83 -9.18
CA THR A 913 3.14 54.38 -10.38
C THR A 913 4.66 54.52 -10.21
N LEU A 914 5.40 54.36 -11.30
CA LEU A 914 6.86 54.50 -11.25
C LEU A 914 7.26 55.95 -10.99
N LYS A 915 6.66 56.89 -11.72
CA LYS A 915 7.02 58.29 -11.56
C LYS A 915 6.56 58.84 -10.22
N ASP A 916 5.36 58.46 -9.78
CA ASP A 916 4.89 58.88 -8.46
C ASP A 916 5.69 58.24 -7.34
N PHE A 917 6.39 57.13 -7.62
CA PHE A 917 7.26 56.53 -6.62
C PHE A 917 8.64 57.18 -6.61
N GLN A 918 9.13 57.61 -7.78
CA GLN A 918 10.44 58.25 -7.83
C GLN A 918 10.37 59.74 -7.48
N ARG A 919 9.19 60.33 -7.50
CA ARG A 919 9.00 61.72 -7.09
C ARG A 919 8.58 61.86 -5.63
N SER A 920 8.56 60.75 -4.88
CA SER A 920 8.18 60.77 -3.47
C SER A 920 9.34 60.27 -2.62
N GLU A 921 9.16 60.34 -1.31
CA GLU A 921 10.19 59.94 -0.37
C GLU A 921 10.41 58.42 -0.40
N ILE A 996 -4.03 -20.38 -10.17
CA ILE A 996 -2.65 -20.55 -9.76
C ILE A 996 -2.37 -22.05 -9.65
N PRO A 997 -1.26 -22.49 -10.25
CA PRO A 997 -0.97 -23.94 -10.27
C PRO A 997 -0.51 -24.45 -8.93
N TRP A 998 -0.31 -25.77 -8.85
CA TRP A 998 0.23 -26.39 -7.65
C TRP A 998 1.72 -26.14 -7.49
N ARG A 999 2.38 -25.49 -8.46
CA ARG A 999 3.82 -25.32 -8.39
C ARG A 999 4.22 -24.26 -7.38
N ALA A 1000 3.45 -23.17 -7.29
CA ALA A 1000 3.76 -22.13 -6.30
C ALA A 1000 3.64 -22.67 -4.88
N CYS A 1001 2.54 -23.38 -4.59
CA CYS A 1001 2.39 -24.00 -3.28
C CYS A 1001 3.43 -25.10 -3.06
N THR A 1002 3.79 -25.84 -4.11
CA THR A 1002 4.81 -26.87 -3.98
C THR A 1002 6.15 -26.27 -3.55
N LYS A 1003 6.55 -25.18 -4.20
CA LYS A 1003 7.78 -24.51 -3.80
C LYS A 1003 7.66 -23.91 -2.40
N TYR A 1004 6.49 -23.35 -2.07
CA TYR A 1004 6.29 -22.78 -0.74
C TYR A 1004 6.46 -23.82 0.35
N LEU A 1005 5.90 -25.01 0.14
CA LEU A 1005 5.98 -26.06 1.16
C LEU A 1005 7.31 -26.80 1.13
N SER A 1006 7.97 -26.85 -0.03
CA SER A 1006 9.30 -27.46 -0.11
C SER A 1006 10.37 -26.56 0.47
N SER A 1007 10.12 -25.25 0.56
CA SER A 1007 11.02 -24.40 1.33
C SER A 1007 10.98 -24.75 2.81
N ALA A 1008 9.87 -25.31 3.29
CA ALA A 1008 9.80 -25.76 4.67
C ALA A 1008 10.64 -27.03 4.87
N GLY A 1009 10.61 -27.93 3.89
CA GLY A 1009 11.34 -29.17 3.96
C GLY A 1009 10.45 -30.36 4.28
N ILE A 1010 11.03 -31.55 4.10
CA ILE A 1010 10.31 -32.78 4.39
C ILE A 1010 10.11 -32.98 5.89
N LEU A 1011 10.84 -32.22 6.72
CA LEU A 1011 10.77 -32.42 8.16
C LEU A 1011 9.40 -32.08 8.73
N LEU A 1012 8.80 -30.98 8.25
CA LEU A 1012 7.57 -30.48 8.84
C LEU A 1012 6.35 -30.72 7.98
N LEU A 1013 6.51 -31.04 6.69
CA LEU A 1013 5.37 -31.27 5.82
C LEU A 1013 4.51 -32.42 6.33
N SER A 1014 5.12 -33.60 6.51
CA SER A 1014 4.37 -34.75 7.01
C SER A 1014 3.93 -34.54 8.45
N LEU A 1015 4.79 -33.92 9.27
CA LEU A 1015 4.43 -33.63 10.65
C LEU A 1015 3.16 -32.80 10.73
N LEU A 1016 2.92 -31.94 9.74
CA LEU A 1016 1.67 -31.18 9.68
C LEU A 1016 0.53 -32.03 9.15
N VAL A 1017 0.73 -32.67 8.00
CA VAL A 1017 -0.37 -33.32 7.29
C VAL A 1017 -0.93 -34.49 8.10
N PHE A 1018 -0.06 -35.39 8.56
CA PHE A 1018 -0.52 -36.54 9.32
C PHE A 1018 -1.14 -36.13 10.65
N SER A 1019 -0.61 -35.09 11.29
CA SER A 1019 -1.21 -34.62 12.53
C SER A 1019 -2.61 -34.07 12.28
N GLN A 1020 -2.81 -33.35 11.17
CA GLN A 1020 -4.16 -32.88 10.85
C GLN A 1020 -5.11 -34.04 10.60
N LEU A 1021 -4.66 -35.01 9.80
CA LEU A 1021 -5.49 -36.20 9.54
C LEU A 1021 -5.86 -36.89 10.84
N LEU A 1022 -4.91 -37.02 11.76
CA LEU A 1022 -5.19 -37.73 13.01
C LEU A 1022 -6.12 -36.92 13.91
N LYS A 1023 -5.98 -35.59 13.92
CA LYS A 1023 -6.90 -34.78 14.72
C LYS A 1023 -8.33 -34.92 14.21
N HIS A 1024 -8.51 -34.88 12.89
CA HIS A 1024 -9.87 -35.04 12.37
C HIS A 1024 -10.40 -36.45 12.60
N MET A 1025 -9.54 -37.46 12.51
CA MET A 1025 -9.97 -38.82 12.81
C MET A 1025 -10.41 -38.96 14.26
N VAL A 1026 -9.71 -38.29 15.19
CA VAL A 1026 -10.12 -38.32 16.58
C VAL A 1026 -11.44 -37.58 16.76
N LEU A 1027 -11.60 -36.44 16.08
CA LEU A 1027 -12.82 -35.65 16.20
C LEU A 1027 -14.04 -36.40 15.68
N VAL A 1028 -13.86 -37.29 14.70
CA VAL A 1028 -15.00 -38.10 14.28
C VAL A 1028 -15.17 -39.33 15.17
N ALA A 1029 -14.06 -39.93 15.60
CA ALA A 1029 -14.15 -41.16 16.38
C ALA A 1029 -14.78 -40.93 17.75
N ILE A 1030 -14.59 -39.73 18.33
CA ILE A 1030 -15.23 -39.47 19.62
C ILE A 1030 -16.75 -39.55 19.50
N ASP A 1031 -17.31 -38.97 18.42
CA ASP A 1031 -18.75 -39.06 18.20
C ASP A 1031 -19.17 -40.47 17.80
N TYR A 1032 -18.33 -41.17 17.04
CA TYR A 1032 -18.64 -42.55 16.68
C TYR A 1032 -18.77 -43.41 17.92
N TRP A 1033 -17.88 -43.22 18.91
CA TRP A 1033 -17.99 -43.97 20.14
C TRP A 1033 -19.15 -43.49 21.01
N LEU A 1034 -19.45 -42.18 20.96
CA LEU A 1034 -20.61 -41.69 21.67
C LEU A 1034 -21.90 -42.33 21.15
N ALA A 1035 -21.95 -42.60 19.85
CA ALA A 1035 -23.11 -43.27 19.27
C ALA A 1035 -23.38 -44.61 19.96
N LYS A 1036 -22.33 -45.40 20.21
CA LYS A 1036 -22.51 -46.64 20.94
C LYS A 1036 -22.72 -46.39 22.43
N TRP A 1037 -22.17 -45.29 22.95
CA TRP A 1037 -22.42 -44.91 24.33
C TRP A 1037 -23.91 -44.76 24.60
N THR A 1038 -24.63 -44.18 23.64
CA THR A 1038 -26.01 -43.77 23.89
C THR A 1038 -26.88 -44.92 24.39
N ASP A 1039 -27.07 -45.93 23.55
CA ASP A 1039 -28.01 -46.99 23.87
C ASP A 1039 -27.57 -47.80 25.07
N SER A 1040 -28.49 -48.02 26.01
CA SER A 1040 -28.19 -48.76 27.23
C SER A 1040 -29.46 -49.33 27.85
N ASP A 1060 -22.47 -51.17 30.94
CA ASP A 1060 -21.13 -50.66 31.21
C ASP A 1060 -21.03 -49.17 30.89
N GLN A 1061 -21.88 -48.38 31.57
CA GLN A 1061 -21.91 -46.95 31.30
C GLN A 1061 -20.64 -46.25 31.78
N SER A 1062 -20.07 -46.73 32.90
CA SER A 1062 -18.89 -46.08 33.46
C SER A 1062 -17.69 -46.23 32.55
N VAL A 1063 -17.44 -47.45 32.05
CA VAL A 1063 -16.36 -47.69 31.10
C VAL A 1063 -16.57 -46.85 29.85
N TYR A 1064 -17.82 -46.75 29.38
CA TYR A 1064 -18.15 -45.92 28.23
C TYR A 1064 -17.72 -44.47 28.46
N ALA A 1065 -18.10 -43.91 29.62
CA ALA A 1065 -17.75 -42.52 29.91
C ALA A 1065 -16.24 -42.34 30.02
N MET A 1066 -15.55 -43.33 30.58
CA MET A 1066 -14.09 -43.23 30.67
C MET A 1066 -13.44 -43.22 29.29
N VAL A 1067 -13.93 -44.05 28.37
CA VAL A 1067 -13.41 -44.03 27.01
C VAL A 1067 -13.69 -42.68 26.36
N PHE A 1068 -14.88 -42.13 26.61
CA PHE A 1068 -15.20 -40.79 26.11
C PHE A 1068 -14.19 -39.76 26.60
N THR A 1069 -13.82 -39.84 27.89
CA THR A 1069 -12.84 -38.91 28.45
C THR A 1069 -11.48 -39.05 27.77
N LEU A 1070 -11.06 -40.30 27.55
CA LEU A 1070 -9.79 -40.54 26.86
C LEU A 1070 -9.78 -39.89 25.48
N LEU A 1071 -10.85 -40.10 24.72
CA LEU A 1071 -10.92 -39.48 23.39
C LEU A 1071 -10.87 -37.96 23.48
N CYS A 1072 -11.61 -37.38 24.44
CA CYS A 1072 -11.63 -35.93 24.61
C CYS A 1072 -10.25 -35.38 24.90
N SER A 1073 -9.44 -36.10 25.69
CA SER A 1073 -8.08 -35.63 25.97
C SER A 1073 -7.20 -35.73 24.73
N LEU A 1074 -7.27 -36.85 24.01
CA LEU A 1074 -6.48 -37.01 22.79
C LEU A 1074 -6.76 -35.87 21.82
N GLY A 1075 -8.02 -35.48 21.69
CA GLY A 1075 -8.37 -34.42 20.74
C GLY A 1075 -7.64 -33.13 21.01
N ILE A 1076 -7.68 -32.66 22.27
CA ILE A 1076 -7.10 -31.35 22.59
C ILE A 1076 -5.59 -31.39 22.48
N VAL A 1077 -4.97 -32.49 22.92
CA VAL A 1077 -3.51 -32.58 22.81
C VAL A 1077 -3.09 -32.50 21.34
N LEU A 1078 -3.78 -33.25 20.48
CA LEU A 1078 -3.42 -33.26 19.06
C LEU A 1078 -3.65 -31.89 18.42
N CYS A 1079 -4.71 -31.19 18.84
CA CYS A 1079 -4.99 -29.87 18.29
C CYS A 1079 -3.87 -28.89 18.63
N LEU A 1080 -3.43 -28.89 19.89
CA LEU A 1080 -2.31 -28.03 20.27
C LEU A 1080 -1.07 -28.35 19.44
N VAL A 1081 -0.77 -29.64 19.25
CA VAL A 1081 0.39 -30.04 18.46
C VAL A 1081 0.29 -29.48 17.04
N THR A 1082 -0.87 -29.64 16.41
CA THR A 1082 -1.04 -29.18 15.03
C THR A 1082 -0.84 -27.66 14.93
N SER A 1083 -1.41 -26.91 15.87
CA SER A 1083 -1.30 -25.46 15.82
C SER A 1083 0.15 -25.02 15.94
N VAL A 1084 0.89 -25.59 16.90
CA VAL A 1084 2.30 -25.24 17.05
C VAL A 1084 3.08 -25.59 15.79
N THR A 1085 2.73 -26.72 15.16
CA THR A 1085 3.41 -27.10 13.91
C THR A 1085 3.22 -26.05 12.84
N VAL A 1086 1.97 -25.63 12.61
CA VAL A 1086 1.69 -24.62 11.59
C VAL A 1086 2.48 -23.35 11.86
N GLU A 1087 2.49 -22.91 13.12
CA GLU A 1087 3.22 -21.69 13.48
C GLU A 1087 4.70 -21.80 13.13
N TRP A 1088 5.36 -22.84 13.65
CA TRP A 1088 6.80 -23.00 13.46
C TRP A 1088 7.13 -23.09 11.97
N THR A 1089 6.34 -23.85 11.21
CA THR A 1089 6.61 -24.02 9.78
C THR A 1089 6.48 -22.70 9.04
N GLY A 1090 5.40 -21.95 9.31
CA GLY A 1090 5.22 -20.67 8.63
C GLY A 1090 6.37 -19.72 8.89
N LEU A 1091 6.83 -19.65 10.15
CA LEU A 1091 7.92 -18.74 10.47
C LEU A 1091 9.20 -19.14 9.77
N LYS A 1092 9.53 -20.44 9.77
CA LYS A 1092 10.74 -20.89 9.09
C LYS A 1092 10.67 -20.59 7.59
N VAL A 1093 9.50 -20.79 6.98
CA VAL A 1093 9.36 -20.54 5.54
C VAL A 1093 9.55 -19.07 5.24
N ALA A 1094 8.95 -18.19 6.05
CA ALA A 1094 9.14 -16.76 5.84
C ALA A 1094 10.61 -16.38 5.92
N LYS A 1095 11.31 -16.87 6.95
CA LYS A 1095 12.74 -16.61 7.10
C LYS A 1095 13.51 -16.99 5.83
N ARG A 1096 13.38 -18.25 5.43
CA ARG A 1096 14.18 -18.74 4.29
C ARG A 1096 13.84 -18.01 3.01
N LEU A 1097 12.54 -17.72 2.80
CA LEU A 1097 12.13 -17.04 1.58
C LEU A 1097 12.72 -15.63 1.52
N HIS A 1098 12.67 -14.90 2.65
CA HIS A 1098 13.24 -13.55 2.66
C HIS A 1098 14.73 -13.58 2.39
N ARG A 1099 15.45 -14.50 3.07
CA ARG A 1099 16.89 -14.55 2.87
C ARG A 1099 17.25 -14.88 1.44
N SER A 1100 16.56 -15.86 0.84
CA SER A 1100 16.85 -16.23 -0.54
C SER A 1100 16.53 -15.10 -1.50
N LEU A 1101 15.43 -14.37 -1.26
CA LEU A 1101 15.09 -13.24 -2.12
C LEU A 1101 16.18 -12.17 -2.06
N LEU A 1102 16.64 -11.84 -0.84
CA LEU A 1102 17.70 -10.85 -0.71
C LEU A 1102 18.96 -11.28 -1.44
N ASN A 1103 19.38 -12.54 -1.22
CA ASN A 1103 20.60 -13.03 -1.84
C ASN A 1103 20.50 -13.02 -3.37
N ARG A 1104 19.35 -13.43 -3.92
CA ARG A 1104 19.21 -13.46 -5.36
C ARG A 1104 19.12 -12.06 -5.95
N ILE A 1105 18.60 -11.10 -5.20
CA ILE A 1105 18.57 -9.73 -5.71
C ILE A 1105 19.96 -9.09 -5.65
N ILE A 1106 20.80 -9.55 -4.72
CA ILE A 1106 22.13 -8.96 -4.57
C ILE A 1106 22.99 -9.19 -5.81
N LEU A 1107 22.95 -10.40 -6.37
CA LEU A 1107 23.87 -10.81 -7.43
C LEU A 1107 23.37 -10.47 -8.83
N ALA A 1108 22.52 -9.45 -8.97
CA ALA A 1108 21.99 -9.13 -10.29
C ALA A 1108 22.89 -8.14 -11.01
N PRO A 1109 22.90 -8.15 -12.34
CA PRO A 1109 23.68 -7.17 -13.10
C PRO A 1109 23.08 -5.78 -13.00
N MET A 1110 23.92 -4.79 -13.29
CA MET A 1110 23.50 -3.39 -13.17
C MET A 1110 22.40 -3.05 -14.17
N ARG A 1111 22.54 -3.52 -15.41
CA ARG A 1111 21.55 -3.20 -16.44
C ARG A 1111 20.18 -3.75 -16.08
N PHE A 1112 20.13 -4.86 -15.35
CA PHE A 1112 18.85 -5.36 -14.85
C PHE A 1112 18.21 -4.35 -13.90
N PHE A 1113 18.99 -3.85 -12.94
CA PHE A 1113 18.45 -2.87 -12.00
C PHE A 1113 18.01 -1.60 -12.70
N GLU A 1114 18.76 -1.17 -13.73
CA GLU A 1114 18.38 0.02 -14.46
C GLU A 1114 17.14 -0.20 -15.32
N THR A 1115 16.93 -1.43 -15.80
CA THR A 1115 15.80 -1.70 -16.68
C THR A 1115 14.49 -1.75 -15.92
N THR A 1116 14.47 -2.46 -14.79
CA THR A 1116 13.23 -2.64 -14.04
C THR A 1116 12.94 -1.42 -13.19
N PRO A 1117 11.70 -0.90 -13.20
CA PRO A 1117 11.35 0.22 -12.33
C PRO A 1117 11.56 -0.14 -10.87
N LEU A 1118 11.69 0.91 -10.04
CA LEU A 1118 11.94 0.68 -8.62
C LEU A 1118 10.69 0.20 -7.89
N GLY A 1119 9.51 0.59 -8.38
CA GLY A 1119 8.28 0.24 -7.68
C GLY A 1119 8.09 -1.26 -7.54
N SER A 1120 8.33 -2.01 -8.62
CA SER A 1120 8.11 -3.44 -8.59
C SER A 1120 9.13 -4.15 -7.69
N ILE A 1121 10.41 -3.79 -7.83
CA ILE A 1121 11.44 -4.42 -7.00
C ILE A 1121 11.21 -4.11 -5.53
N LEU A 1122 10.92 -2.86 -5.21
CA LEU A 1122 10.67 -2.50 -3.81
C LEU A 1122 9.36 -3.03 -3.24
N ASN A 1123 8.36 -3.04 -4.10
CA ASN A 1123 7.03 -3.43 -3.70
C ASN A 1123 6.94 -4.86 -3.24
N ARG A 1124 7.66 -5.79 -3.87
CA ARG A 1124 7.56 -7.18 -3.44
C ARG A 1124 7.97 -7.29 -1.98
N PHE A 1125 9.12 -6.72 -1.62
CA PHE A 1125 9.58 -6.75 -0.25
C PHE A 1125 8.64 -6.02 0.70
N SER A 1126 8.13 -4.89 0.25
CA SER A 1126 7.23 -4.10 1.07
C SER A 1126 5.93 -4.81 1.42
N SER A 1127 5.34 -5.52 0.46
CA SER A 1127 4.06 -6.14 0.72
C SER A 1127 4.10 -7.66 0.70
N ASP A 1128 4.40 -8.22 -0.46
CA ASP A 1128 4.49 -9.66 -0.56
C ASP A 1128 5.02 -10.29 0.71
N CYS A 1129 6.12 -9.76 1.24
CA CYS A 1129 6.68 -10.35 2.45
C CYS A 1129 5.74 -10.17 3.63
N ASN A 1130 5.26 -8.93 3.76
CA ASN A 1130 4.38 -8.58 4.83
C ASN A 1130 3.07 -9.33 4.72
N THR A 1131 2.54 -9.38 3.51
CA THR A 1131 1.26 -10.03 3.31
C THR A 1131 1.37 -11.49 3.68
N ILE A 1132 2.43 -12.14 3.22
CA ILE A 1132 2.58 -13.54 3.50
C ILE A 1132 2.68 -13.78 4.99
N ASP A 1133 3.53 -13.02 5.66
CA ASP A 1133 3.71 -13.26 7.08
C ASP A 1133 2.44 -13.03 7.87
N GLN A 1134 1.70 -11.99 7.52
CA GLN A 1134 0.46 -11.71 8.21
C GLN A 1134 -0.68 -12.68 7.96
N HIS A 1135 -0.85 -13.11 6.70
CA HIS A 1135 -2.02 -13.93 6.38
C HIS A 1135 -1.89 -15.35 5.85
N ILE A 1136 -0.73 -15.73 5.35
CA ILE A 1136 -0.66 -17.08 4.77
C ILE A 1136 -0.82 -18.16 5.83
N PRO A 1137 -0.17 -18.11 6.99
CA PRO A 1137 -0.31 -19.25 7.94
C PRO A 1137 -1.73 -19.43 8.45
N SER A 1138 -2.40 -18.35 8.87
CA SER A 1138 -3.75 -18.47 9.41
C SER A 1138 -4.72 -18.98 8.34
N THR A 1139 -4.66 -18.41 7.14
CA THR A 1139 -5.56 -18.83 6.07
C THR A 1139 -5.29 -20.26 5.64
N LEU A 1140 -4.02 -20.67 5.60
CA LEU A 1140 -3.70 -22.05 5.27
C LEU A 1140 -4.25 -23.01 6.32
N GLU A 1141 -4.09 -22.67 7.60
CA GLU A 1141 -4.65 -23.50 8.67
C GLU A 1141 -6.16 -23.60 8.54
N CYS A 1142 -6.83 -22.48 8.26
CA CYS A 1142 -8.29 -22.49 8.15
C CYS A 1142 -8.75 -23.33 6.96
N LEU A 1143 -8.06 -23.19 5.82
CA LEU A 1143 -8.41 -24.00 4.65
C LEU A 1143 -8.25 -25.48 4.93
N SER A 1144 -7.15 -25.86 5.58
CA SER A 1144 -6.93 -27.27 5.88
C SER A 1144 -8.00 -27.80 6.82
N ARG A 1145 -8.28 -27.06 7.90
CA ARG A 1145 -9.32 -27.50 8.84
C ARG A 1145 -10.66 -27.63 8.13
N SER A 1146 -11.01 -26.67 7.27
CA SER A 1146 -12.30 -26.71 6.62
C SER A 1146 -12.41 -27.91 5.68
N THR A 1147 -11.40 -28.12 4.83
CA THR A 1147 -11.48 -29.22 3.87
C THR A 1147 -11.52 -30.56 4.58
N LEU A 1148 -10.73 -30.72 5.65
CA LEU A 1148 -10.73 -32.01 6.33
C LEU A 1148 -12.02 -32.23 7.11
N LEU A 1149 -12.59 -31.17 7.71
CA LEU A 1149 -13.88 -31.31 8.38
C LEU A 1149 -14.97 -31.68 7.38
N CYS A 1150 -14.94 -31.10 6.18
CA CYS A 1150 -15.94 -31.44 5.18
C CYS A 1150 -15.82 -32.89 4.73
N VAL A 1151 -14.59 -33.34 4.45
CA VAL A 1151 -14.39 -34.73 4.05
C VAL A 1151 -14.83 -35.68 5.16
N SER A 1152 -14.51 -35.33 6.41
CA SER A 1152 -14.91 -36.16 7.54
C SER A 1152 -16.43 -36.23 7.67
N ALA A 1153 -17.12 -35.10 7.49
CA ALA A 1153 -18.57 -35.10 7.58
C ALA A 1153 -19.20 -35.94 6.48
N LEU A 1154 -18.67 -35.84 5.25
CA LEU A 1154 -19.18 -36.68 4.16
C LEU A 1154 -18.97 -38.15 4.47
N THR A 1155 -17.80 -38.52 4.99
CA THR A 1155 -17.55 -39.91 5.33
C THR A 1155 -18.48 -40.38 6.45
N VAL A 1156 -18.79 -39.51 7.41
CA VAL A 1156 -19.69 -39.88 8.49
C VAL A 1156 -21.09 -40.17 7.95
N ILE A 1157 -21.64 -39.22 7.18
CA ILE A 1157 -22.99 -39.41 6.66
C ILE A 1157 -23.04 -40.54 5.64
N SER A 1158 -21.90 -40.95 5.09
CA SER A 1158 -21.87 -42.13 4.24
C SER A 1158 -21.88 -43.41 5.06
N TYR A 1159 -21.03 -43.49 6.09
CA TYR A 1159 -20.96 -44.68 6.93
C TYR A 1159 -22.28 -44.93 7.66
N VAL A 1160 -22.96 -43.84 8.07
CA VAL A 1160 -24.25 -43.99 8.74
C VAL A 1160 -25.24 -44.67 7.83
N THR A 1161 -25.49 -44.09 6.66
CA THR A 1161 -26.40 -44.65 5.67
C THR A 1161 -25.63 -44.93 4.39
N PRO A 1162 -25.40 -46.20 4.04
CA PRO A 1162 -24.62 -46.49 2.82
C PRO A 1162 -25.25 -45.92 1.56
N VAL A 1163 -26.54 -46.17 1.33
CA VAL A 1163 -27.18 -45.70 0.09
C VAL A 1163 -27.11 -44.18 -0.03
N PHE A 1164 -27.18 -43.46 1.09
CA PHE A 1164 -27.06 -42.00 1.06
C PHE A 1164 -25.78 -41.56 0.37
N LEU A 1165 -24.69 -42.32 0.57
CA LEU A 1165 -23.44 -42.04 -0.13
C LEU A 1165 -23.68 -41.91 -1.63
N VAL A 1166 -24.32 -42.90 -2.24
CA VAL A 1166 -24.51 -42.91 -3.68
C VAL A 1166 -25.37 -41.74 -4.14
N ALA A 1167 -26.17 -41.16 -3.23
CA ALA A 1167 -26.98 -40.01 -3.60
C ALA A 1167 -26.22 -38.70 -3.49
N LEU A 1168 -25.14 -38.65 -2.70
CA LEU A 1168 -24.44 -37.39 -2.44
C LEU A 1168 -23.38 -37.06 -3.48
N LEU A 1169 -22.88 -38.04 -4.23
CA LEU A 1169 -21.85 -37.79 -5.22
C LEU A 1169 -22.39 -36.98 -6.41
N PRO A 1170 -23.65 -37.19 -6.87
CA PRO A 1170 -24.22 -36.27 -7.85
C PRO A 1170 -24.15 -34.81 -7.42
N LEU A 1171 -24.76 -34.50 -6.27
CA LEU A 1171 -24.83 -33.11 -5.81
C LEU A 1171 -23.45 -32.48 -5.70
N ALA A 1172 -22.49 -33.21 -5.15
CA ALA A 1172 -21.13 -32.68 -5.02
C ALA A 1172 -20.56 -32.30 -6.38
N VAL A 1173 -20.82 -33.11 -7.41
CA VAL A 1173 -20.35 -32.78 -8.75
C VAL A 1173 -20.96 -31.46 -9.20
N VAL A 1174 -22.22 -31.22 -8.83
CA VAL A 1174 -22.85 -29.92 -9.07
C VAL A 1174 -21.96 -28.80 -8.55
N CYS A 1175 -21.46 -28.95 -7.32
CA CYS A 1175 -20.60 -27.93 -6.72
C CYS A 1175 -19.40 -27.63 -7.60
N TYR A 1176 -18.86 -28.63 -8.29
CA TYR A 1176 -17.73 -28.38 -9.18
C TYR A 1176 -18.07 -27.29 -10.19
N PHE A 1177 -19.23 -27.42 -10.85
CA PHE A 1177 -19.65 -26.39 -11.79
C PHE A 1177 -19.87 -25.05 -11.10
N ILE A 1178 -20.29 -25.08 -9.84
CA ILE A 1178 -20.45 -23.82 -9.10
C ILE A 1178 -19.11 -23.22 -8.72
N GLN A 1179 -18.06 -24.05 -8.71
CA GLN A 1179 -16.74 -23.54 -8.32
C GLN A 1179 -16.15 -22.67 -9.41
N LYS A 1180 -15.93 -23.26 -10.60
CA LYS A 1180 -15.29 -22.55 -11.70
C LYS A 1180 -15.92 -21.18 -11.92
N TYR A 1181 -17.20 -21.17 -12.30
CA TYR A 1181 -17.88 -19.91 -12.61
C TYR A 1181 -17.72 -18.88 -11.52
N PHE A 1182 -17.54 -19.32 -10.26
CA PHE A 1182 -17.34 -18.36 -9.20
C PHE A 1182 -15.96 -17.72 -9.29
N ARG A 1183 -14.90 -18.54 -9.26
CA ARG A 1183 -13.56 -18.00 -9.10
C ARG A 1183 -13.22 -17.03 -10.24
N VAL A 1184 -13.43 -17.46 -11.48
CA VAL A 1184 -13.11 -16.66 -12.65
C VAL A 1184 -13.81 -15.31 -12.65
N ALA A 1185 -14.80 -15.11 -11.78
CA ALA A 1185 -15.37 -13.79 -11.54
C ALA A 1185 -14.96 -13.20 -10.21
N SER A 1186 -14.92 -14.03 -9.16
CA SER A 1186 -14.64 -13.51 -7.83
C SER A 1186 -13.25 -12.89 -7.76
N ARG A 1187 -12.27 -13.53 -8.40
CA ARG A 1187 -10.97 -12.90 -8.57
C ARG A 1187 -11.11 -11.57 -9.29
N ASP A 1188 -11.77 -11.57 -10.45
CA ASP A 1188 -11.83 -10.39 -11.29
C ASP A 1188 -12.39 -9.19 -10.53
N LEU A 1189 -13.65 -9.28 -10.10
CA LEU A 1189 -14.24 -8.21 -9.30
C LEU A 1189 -13.30 -7.75 -8.22
N GLN A 1190 -12.65 -8.69 -7.52
CA GLN A 1190 -11.73 -8.36 -6.44
C GLN A 1190 -10.74 -7.29 -6.88
N GLN A 1191 -9.97 -7.59 -7.93
CA GLN A 1191 -8.95 -6.64 -8.39
C GLN A 1191 -9.58 -5.31 -8.79
N LEU A 1192 -10.76 -5.36 -9.43
CA LEU A 1192 -11.43 -4.12 -9.80
C LEU A 1192 -11.62 -3.23 -8.57
N ASP A 1193 -12.08 -3.82 -7.46
CA ASP A 1193 -12.21 -3.06 -6.22
C ASP A 1193 -10.93 -2.33 -5.90
N ASP A 1194 -9.81 -3.05 -5.87
CA ASP A 1194 -8.52 -2.43 -5.57
C ASP A 1194 -8.30 -1.21 -6.45
N THR A 1195 -8.56 -1.36 -7.76
CA THR A 1195 -8.31 -0.23 -8.66
C THR A 1195 -9.18 0.96 -8.29
N THR A 1196 -10.47 0.74 -8.02
CA THR A 1196 -11.30 1.90 -7.72
C THR A 1196 -10.97 2.51 -6.37
N GLN A 1197 -10.18 1.83 -5.55
CA GLN A 1197 -9.74 2.42 -4.29
C GLN A 1197 -8.51 3.29 -4.46
N LEU A 1198 -7.74 3.10 -5.53
CA LEU A 1198 -6.44 3.76 -5.59
C LEU A 1198 -6.54 5.22 -6.05
N PRO A 1199 -7.15 5.54 -7.19
CA PRO A 1199 -7.25 6.96 -7.56
C PRO A 1199 -8.17 7.77 -6.68
N LEU A 1200 -9.12 7.15 -5.97
CA LEU A 1200 -9.99 7.90 -5.09
C LEU A 1200 -9.19 8.59 -3.99
N LEU A 1201 -8.53 7.79 -3.12
CA LEU A 1201 -7.74 8.34 -2.04
C LEU A 1201 -6.73 9.37 -2.55
N SER A 1202 -5.96 9.00 -3.58
CA SER A 1202 -4.99 9.93 -4.14
C SER A 1202 -5.65 11.25 -4.49
N HIS A 1203 -6.82 11.20 -5.15
CA HIS A 1203 -7.54 12.41 -5.48
C HIS A 1203 -7.74 13.29 -4.26
N PHE A 1204 -8.24 12.71 -3.17
CA PHE A 1204 -8.39 13.43 -1.92
C PHE A 1204 -7.14 14.24 -1.60
N ALA A 1205 -5.98 13.58 -1.60
CA ALA A 1205 -4.73 14.26 -1.23
C ALA A 1205 -4.45 15.44 -2.15
N GLU A 1206 -4.69 15.27 -3.46
CA GLU A 1206 -4.44 16.35 -4.40
C GLU A 1206 -5.28 17.58 -4.05
N THR A 1207 -6.50 17.38 -3.56
CA THR A 1207 -7.33 18.52 -3.21
C THR A 1207 -6.79 19.24 -1.98
N VAL A 1208 -6.17 18.49 -1.06
CA VAL A 1208 -5.78 19.09 0.21
C VAL A 1208 -4.60 20.03 0.02
N GLU A 1209 -3.58 19.60 -0.71
CA GLU A 1209 -2.38 20.42 -0.88
C GLU A 1209 -2.69 21.69 -1.68
N GLY A 1210 -3.12 21.52 -2.93
CA GLY A 1210 -3.44 22.66 -3.77
C GLY A 1210 -4.81 23.23 -3.50
N LEU A 1211 -5.17 23.36 -2.22
CA LEU A 1211 -6.51 23.82 -1.86
C LEU A 1211 -6.73 25.26 -2.24
N THR A 1212 -5.72 26.11 -2.03
CA THR A 1212 -5.86 27.53 -2.35
C THR A 1212 -6.06 27.74 -3.84
N THR A 1213 -5.30 27.01 -4.67
CA THR A 1213 -5.45 27.13 -6.12
C THR A 1213 -6.86 26.72 -6.56
N ILE A 1214 -7.40 25.67 -5.96
CA ILE A 1214 -8.70 25.16 -6.38
C ILE A 1214 -9.83 26.07 -5.90
N ARG A 1215 -9.71 26.62 -4.70
CA ARG A 1215 -10.70 27.60 -4.26
C ARG A 1215 -10.56 28.92 -5.01
N ALA A 1216 -9.38 29.20 -5.56
CA ALA A 1216 -9.19 30.43 -6.32
C ALA A 1216 -9.79 30.31 -7.71
N PHE A 1217 -9.48 29.22 -8.42
CA PHE A 1217 -10.04 29.00 -9.74
C PHE A 1217 -11.56 28.84 -9.73
N ARG A 1218 -12.17 28.71 -8.55
CA ARG A 1218 -13.60 28.43 -8.41
C ARG A 1218 -13.99 27.13 -9.10
N TYR A 1219 -13.05 26.19 -9.19
CA TYR A 1219 -13.27 24.90 -9.83
C TYR A 1219 -13.86 23.86 -8.89
N GLU A 1220 -14.53 24.30 -7.82
CA GLU A 1220 -15.01 23.35 -6.81
C GLU A 1220 -16.08 22.43 -7.37
N ALA A 1221 -16.93 22.96 -8.25
CA ALA A 1221 -18.03 22.16 -8.79
C ALA A 1221 -17.53 20.97 -9.59
N ARG A 1222 -16.61 21.21 -10.53
CA ARG A 1222 -16.10 20.12 -11.36
C ARG A 1222 -15.38 19.07 -10.53
N PHE A 1223 -14.65 19.51 -9.50
CA PHE A 1223 -13.95 18.53 -8.67
C PHE A 1223 -14.92 17.71 -7.83
N GLN A 1224 -15.98 18.35 -7.33
CA GLN A 1224 -17.00 17.59 -6.61
C GLN A 1224 -17.68 16.58 -7.54
N GLN A 1225 -17.89 16.96 -8.79
CA GLN A 1225 -18.41 16.04 -9.79
C GLN A 1225 -17.47 14.84 -9.96
N LYS A 1226 -16.17 15.12 -10.06
CA LYS A 1226 -15.19 14.05 -10.21
C LYS A 1226 -15.21 13.11 -9.01
N LEU A 1227 -15.37 13.66 -7.80
CA LEU A 1227 -15.35 12.81 -6.62
C LEU A 1227 -16.63 11.98 -6.51
N LEU A 1228 -17.78 12.54 -6.90
CA LEU A 1228 -18.98 11.72 -6.98
C LEU A 1228 -18.81 10.59 -7.98
N GLU A 1229 -18.19 10.88 -9.13
CA GLU A 1229 -17.90 9.85 -10.11
C GLU A 1229 -17.03 8.74 -9.52
N TYR A 1230 -15.96 9.14 -8.81
CA TYR A 1230 -15.04 8.15 -8.26
C TYR A 1230 -15.70 7.31 -7.17
N THR A 1231 -16.48 7.94 -6.29
CA THR A 1231 -17.12 7.15 -5.24
C THR A 1231 -18.20 6.24 -5.80
N ASP A 1232 -18.84 6.63 -6.91
CA ASP A 1232 -19.77 5.72 -7.56
C ASP A 1232 -19.02 4.53 -8.17
N SER A 1233 -17.88 4.78 -8.81
CA SER A 1233 -17.09 3.70 -9.38
C SER A 1233 -16.56 2.76 -8.31
N ASN A 1234 -16.30 3.28 -7.11
CA ASN A 1234 -15.90 2.42 -6.00
C ASN A 1234 -17.08 1.60 -5.49
N ASN A 1235 -18.24 2.23 -5.34
CA ASN A 1235 -19.38 1.54 -4.75
C ASN A 1235 -19.92 0.45 -5.67
N ILE A 1236 -19.93 0.69 -6.98
CA ILE A 1236 -20.44 -0.35 -7.88
C ILE A 1236 -19.60 -1.62 -7.76
N ALA A 1237 -18.28 -1.47 -7.62
CA ALA A 1237 -17.41 -2.63 -7.50
C ALA A 1237 -17.61 -3.32 -6.14
N SER A 1238 -17.52 -2.54 -5.05
CA SER A 1238 -17.70 -3.11 -3.72
C SER A 1238 -19.10 -3.66 -3.51
N LEU A 1239 -20.03 -3.36 -4.41
CA LEU A 1239 -21.40 -3.85 -4.33
C LEU A 1239 -21.58 -5.13 -5.14
N PHE A 1240 -21.06 -5.16 -6.37
CA PHE A 1240 -21.09 -6.39 -7.14
C PHE A 1240 -20.32 -7.49 -6.44
N LEU A 1241 -19.26 -7.16 -5.70
CA LEU A 1241 -18.50 -8.19 -5.00
C LEU A 1241 -19.34 -8.84 -3.92
N THR A 1242 -20.06 -8.04 -3.12
CA THR A 1242 -20.91 -8.62 -2.08
C THR A 1242 -22.11 -9.35 -2.69
N ALA A 1243 -22.60 -8.87 -3.84
CA ALA A 1243 -23.67 -9.60 -4.51
C ALA A 1243 -23.21 -10.98 -4.97
N ALA A 1244 -22.01 -11.08 -5.52
CA ALA A 1244 -21.50 -12.38 -5.96
C ALA A 1244 -21.24 -13.31 -4.78
N ASN A 1245 -20.69 -12.76 -3.69
CA ASN A 1245 -20.51 -13.58 -2.49
C ASN A 1245 -21.83 -14.11 -1.98
N ARG A 1246 -22.87 -13.27 -1.96
CA ARG A 1246 -24.20 -13.74 -1.57
C ARG A 1246 -24.70 -14.82 -2.51
N TRP A 1247 -24.46 -14.68 -3.81
CA TRP A 1247 -24.90 -15.68 -4.77
C TRP A 1247 -24.29 -17.04 -4.44
N LEU A 1248 -22.96 -17.09 -4.37
CA LEU A 1248 -22.30 -18.36 -4.06
C LEU A 1248 -22.78 -18.92 -2.73
N GLU A 1249 -22.90 -18.05 -1.71
CA GLU A 1249 -23.36 -18.50 -0.41
C GLU A 1249 -24.72 -19.19 -0.51
N VAL A 1250 -25.70 -18.50 -1.10
CA VAL A 1250 -27.07 -19.02 -1.11
C VAL A 1250 -27.14 -20.33 -1.88
N ARG A 1251 -26.44 -20.43 -3.01
CA ARG A 1251 -26.58 -21.65 -3.80
C ARG A 1251 -25.89 -22.83 -3.10
N MET A 1252 -24.68 -22.61 -2.57
CA MET A 1252 -24.03 -23.67 -1.81
C MET A 1252 -24.88 -24.08 -0.62
N GLU A 1253 -25.58 -23.13 0.00
CA GLU A 1253 -26.42 -23.47 1.14
C GLU A 1253 -27.65 -24.27 0.72
N TYR A 1254 -28.27 -23.91 -0.40
CA TYR A 1254 -29.39 -24.69 -0.90
C TYR A 1254 -28.98 -26.14 -1.15
N ILE A 1255 -27.78 -26.34 -1.68
CA ILE A 1255 -27.31 -27.72 -1.88
C ILE A 1255 -27.02 -28.39 -0.55
N GLY A 1256 -26.44 -27.66 0.40
CA GLY A 1256 -26.19 -28.21 1.73
C GLY A 1256 -27.46 -28.56 2.49
N ALA A 1257 -28.59 -27.98 2.10
CA ALA A 1257 -29.88 -28.36 2.67
C ALA A 1257 -30.50 -29.54 1.91
N CYS A 1258 -30.31 -29.58 0.59
CA CYS A 1258 -30.72 -30.75 -0.17
C CYS A 1258 -30.07 -32.02 0.37
N VAL A 1259 -28.79 -31.94 0.73
CA VAL A 1259 -28.08 -33.14 1.16
C VAL A 1259 -28.61 -33.63 2.51
N VAL A 1260 -28.95 -32.71 3.43
CA VAL A 1260 -29.49 -33.16 4.70
C VAL A 1260 -30.91 -33.68 4.53
N LEU A 1261 -31.70 -33.08 3.64
CA LEU A 1261 -33.02 -33.62 3.33
C LEU A 1261 -32.91 -35.06 2.86
N ILE A 1262 -32.06 -35.32 1.86
CA ILE A 1262 -31.93 -36.67 1.32
C ILE A 1262 -31.38 -37.63 2.38
N ALA A 1263 -30.43 -37.15 3.19
CA ALA A 1263 -29.85 -37.99 4.23
C ALA A 1263 -30.89 -38.41 5.24
N ALA A 1264 -31.71 -37.46 5.71
CA ALA A 1264 -32.74 -37.80 6.70
C ALA A 1264 -33.81 -38.70 6.08
N ALA A 1265 -34.18 -38.46 4.83
CA ALA A 1265 -35.19 -39.28 4.18
C ALA A 1265 -34.72 -40.71 4.00
N THR A 1266 -33.43 -40.90 3.73
CA THR A 1266 -32.90 -42.27 3.66
C THR A 1266 -32.73 -42.88 5.04
N SER A 1267 -32.38 -42.07 6.05
CA SER A 1267 -32.11 -42.60 7.37
C SER A 1267 -33.39 -43.07 8.05
N ILE A 1268 -34.49 -42.33 7.87
CA ILE A 1268 -35.74 -42.69 8.56
C ILE A 1268 -36.23 -44.05 8.10
N SER A 1269 -36.00 -44.40 6.83
CA SER A 1269 -36.51 -45.66 6.30
C SER A 1269 -35.48 -46.78 6.43
N ASN A 1270 -34.28 -46.56 5.88
CA ASN A 1270 -33.29 -47.62 5.82
C ASN A 1270 -32.83 -48.04 7.21
N SER A 1271 -32.55 -47.06 8.08
CA SER A 1271 -31.99 -47.38 9.39
C SER A 1271 -33.03 -47.72 10.44
N LEU A 1272 -34.32 -47.60 10.12
CA LEU A 1272 -35.38 -47.96 11.05
C LEU A 1272 -36.20 -49.16 10.59
N HIS A 1273 -36.72 -49.11 9.35
CA HIS A 1273 -37.58 -50.19 8.87
C HIS A 1273 -36.80 -51.49 8.74
N ARG A 1274 -35.63 -51.44 8.10
CA ARG A 1274 -34.83 -52.64 7.86
C ARG A 1274 -33.67 -52.80 8.84
N GLU A 1275 -32.82 -51.77 8.96
CA GLU A 1275 -31.61 -51.93 9.78
C GLU A 1275 -31.93 -51.91 11.27
N LEU A 1276 -32.94 -51.15 11.68
CA LEU A 1276 -33.33 -50.97 13.09
C LEU A 1276 -32.11 -50.75 13.98
N SER A 1277 -31.39 -49.67 13.70
CA SER A 1277 -30.24 -49.25 14.49
C SER A 1277 -30.36 -47.75 14.73
N ALA A 1278 -30.45 -47.35 16.00
CA ALA A 1278 -30.76 -45.98 16.36
C ALA A 1278 -29.53 -45.11 16.55
N GLY A 1279 -28.39 -45.69 16.90
CA GLY A 1279 -27.18 -44.90 17.07
C GLY A 1279 -26.68 -44.30 15.78
N LEU A 1280 -27.18 -44.76 14.64
CA LEU A 1280 -26.72 -44.26 13.34
C LEU A 1280 -27.32 -42.89 13.04
N VAL A 1281 -28.65 -42.78 13.08
CA VAL A 1281 -29.35 -41.58 12.61
C VAL A 1281 -28.85 -40.34 13.35
N GLY A 1282 -28.43 -40.49 14.60
CA GLY A 1282 -27.92 -39.37 15.36
C GLY A 1282 -26.72 -38.71 14.70
N LEU A 1283 -25.68 -39.49 14.44
CA LEU A 1283 -24.48 -38.96 13.80
C LEU A 1283 -24.81 -38.34 12.45
N GLY A 1284 -25.59 -39.06 11.63
CA GLY A 1284 -25.90 -38.56 10.30
C GLY A 1284 -26.63 -37.23 10.34
N LEU A 1285 -27.68 -37.15 11.15
CA LEU A 1285 -28.43 -35.89 11.26
C LEU A 1285 -27.57 -34.76 11.81
N THR A 1286 -26.79 -35.05 12.85
CA THR A 1286 -25.99 -33.99 13.46
C THR A 1286 -24.92 -33.47 12.52
N TYR A 1287 -24.35 -34.33 11.67
CA TYR A 1287 -23.33 -33.85 10.75
C TYR A 1287 -23.94 -33.21 9.51
N ALA A 1288 -25.10 -33.69 9.05
CA ALA A 1288 -25.75 -33.10 7.89
C ALA A 1288 -26.45 -31.78 8.20
N LEU A 1289 -26.79 -31.54 9.47
CA LEU A 1289 -27.33 -30.24 9.84
C LEU A 1289 -26.29 -29.14 9.73
N MET A 1290 -25.01 -29.49 9.70
CA MET A 1290 -23.94 -28.49 9.75
C MET A 1290 -22.95 -28.58 8.60
N VAL A 1291 -23.01 -29.61 7.75
CA VAL A 1291 -22.05 -29.76 6.66
C VAL A 1291 -21.97 -28.52 5.78
N SER A 1292 -23.07 -27.76 5.69
CA SER A 1292 -23.11 -26.63 4.76
C SER A 1292 -22.15 -25.52 5.18
N ASN A 1293 -22.08 -25.24 6.49
CA ASN A 1293 -21.20 -24.17 6.96
C ASN A 1293 -19.74 -24.54 6.74
N TYR A 1294 -19.39 -25.81 6.95
CA TYR A 1294 -18.04 -26.26 6.64
C TYR A 1294 -17.75 -26.14 5.14
N LEU A 1295 -18.74 -26.47 4.30
CA LEU A 1295 -18.57 -26.29 2.87
C LEU A 1295 -18.27 -24.83 2.52
N ASN A 1296 -19.01 -23.90 3.13
CA ASN A 1296 -18.83 -22.49 2.80
C ASN A 1296 -17.46 -21.98 3.27
N TRP A 1297 -17.07 -22.33 4.50
CA TRP A 1297 -15.72 -22.05 4.96
C TRP A 1297 -14.69 -22.55 3.94
N MET A 1298 -14.86 -23.79 3.49
CA MET A 1298 -13.94 -24.38 2.52
C MET A 1298 -13.82 -23.51 1.28
N VAL A 1299 -14.95 -23.17 0.65
CA VAL A 1299 -14.86 -22.51 -0.65
C VAL A 1299 -14.30 -21.09 -0.51
N ARG A 1300 -14.72 -20.37 0.53
CA ARG A 1300 -14.23 -19.00 0.68
C ARG A 1300 -12.74 -18.98 1.00
N ASN A 1301 -12.30 -19.82 1.93
CA ASN A 1301 -10.88 -19.89 2.23
C ASN A 1301 -10.08 -20.35 1.02
N LEU A 1302 -10.66 -21.19 0.16
CA LEU A 1302 -9.96 -21.60 -1.05
C LEU A 1302 -9.73 -20.41 -1.98
N ALA A 1303 -10.76 -19.57 -2.16
CA ALA A 1303 -10.59 -18.38 -2.99
C ALA A 1303 -9.49 -17.48 -2.43
N ASP A 1304 -9.52 -17.24 -1.11
CA ASP A 1304 -8.50 -16.38 -0.50
C ASP A 1304 -7.10 -16.98 -0.66
N MET A 1305 -6.97 -18.29 -0.42
CA MET A 1305 -5.67 -18.93 -0.56
C MET A 1305 -5.16 -18.83 -2.00
N GLU A 1306 -6.07 -18.90 -2.97
CA GLU A 1306 -5.63 -18.79 -4.37
C GLU A 1306 -5.12 -17.39 -4.68
N ILE A 1307 -5.81 -16.35 -4.21
CA ILE A 1307 -5.31 -15.00 -4.51
C ILE A 1307 -3.99 -14.75 -3.79
N GLN A 1308 -3.83 -15.29 -2.58
CA GLN A 1308 -2.57 -15.10 -1.86
C GLN A 1308 -1.42 -15.88 -2.50
N LEU A 1309 -1.70 -17.07 -3.02
CA LEU A 1309 -0.66 -17.83 -3.72
C LEU A 1309 -0.28 -17.15 -5.03
N GLY A 1310 -1.26 -16.56 -5.72
CA GLY A 1310 -0.94 -15.75 -6.89
C GLY A 1310 -0.08 -14.55 -6.55
N ALA A 1311 -0.29 -13.97 -5.36
CA ALA A 1311 0.61 -12.92 -4.89
C ALA A 1311 2.01 -13.46 -4.61
N VAL A 1312 2.10 -14.68 -4.09
CA VAL A 1312 3.40 -15.26 -3.75
C VAL A 1312 4.20 -15.56 -5.02
N LYS A 1313 3.53 -15.99 -6.09
CA LYS A 1313 4.23 -16.43 -7.30
C LYS A 1313 5.20 -15.38 -7.83
N ARG A 1314 4.90 -14.09 -7.64
CA ARG A 1314 5.80 -13.06 -8.15
C ARG A 1314 7.12 -13.02 -7.38
N ILE A 1315 7.13 -13.49 -6.14
CA ILE A 1315 8.39 -13.61 -5.41
C ILE A 1315 9.32 -14.60 -6.11
N HIS A 1316 8.78 -15.75 -6.52
CA HIS A 1316 9.58 -16.70 -7.27
C HIS A 1316 9.95 -16.15 -8.65
N ALA A 1317 9.05 -15.37 -9.25
CA ALA A 1317 9.38 -14.71 -10.51
C ALA A 1317 10.60 -13.81 -10.34
N LEU A 1318 10.71 -13.14 -9.18
CA LEU A 1318 11.89 -12.35 -8.86
C LEU A 1318 13.08 -13.22 -8.46
N LEU A 1319 12.84 -14.45 -7.99
CA LEU A 1319 13.93 -15.29 -7.51
C LEU A 1319 14.85 -15.74 -8.63
N LYS A 1320 14.34 -15.85 -9.86
CA LYS A 1320 15.11 -16.41 -10.97
C LYS A 1320 15.82 -15.34 -11.79
N THR A 1321 16.23 -14.25 -11.17
CA THR A 1321 16.93 -13.18 -11.89
C THR A 1321 18.44 -13.43 -11.88
N PRO A 1332 43.80 -18.32 -8.49
CA PRO A 1332 44.38 -17.24 -7.69
C PRO A 1332 45.91 -17.19 -7.75
N SER A 1333 46.45 -16.75 -8.88
CA SER A 1333 47.88 -16.54 -9.05
C SER A 1333 48.27 -15.08 -8.90
N LEU A 1334 47.43 -14.17 -9.36
CA LEU A 1334 47.66 -12.74 -9.20
C LEU A 1334 47.04 -12.18 -7.94
N ILE A 1335 46.14 -12.94 -7.31
CA ILE A 1335 45.59 -12.54 -6.01
C ILE A 1335 46.67 -12.50 -4.93
N PRO A 1336 47.50 -13.53 -4.72
CA PRO A 1336 48.46 -13.48 -3.62
C PRO A 1336 49.51 -12.39 -3.77
N LYS A 1337 49.75 -11.90 -4.98
CA LYS A 1337 50.64 -10.77 -5.20
C LYS A 1337 49.83 -9.49 -5.04
N ASN A 1338 50.21 -8.67 -4.06
CA ASN A 1338 49.47 -7.45 -3.76
C ASN A 1338 49.29 -6.61 -5.01
N TRP A 1339 48.15 -5.92 -5.10
CA TRP A 1339 47.86 -5.15 -6.28
C TRP A 1339 48.88 -4.02 -6.45
N PRO A 1340 49.49 -3.87 -7.63
CA PRO A 1340 50.59 -2.92 -7.77
C PRO A 1340 50.12 -1.48 -7.78
N ASP A 1341 50.99 -0.61 -7.27
CA ASP A 1341 50.73 0.83 -7.32
C ASP A 1341 51.00 1.42 -8.69
N GLN A 1342 51.75 0.71 -9.53
CA GLN A 1342 52.01 1.16 -10.90
C GLN A 1342 50.71 1.16 -11.69
N GLY A 1343 50.20 2.36 -11.98
CA GLY A 1343 48.92 2.49 -12.65
C GLY A 1343 48.98 2.38 -14.16
N LYS A 1344 50.08 1.85 -14.68
CA LYS A 1344 50.22 1.66 -16.12
C LYS A 1344 49.21 0.63 -16.60
N ILE A 1345 48.34 1.04 -17.52
CA ILE A 1345 47.31 0.17 -18.06
C ILE A 1345 47.32 0.28 -19.57
N GLN A 1346 46.62 -0.65 -20.23
CA GLN A 1346 46.51 -0.61 -21.68
C GLN A 1346 45.27 -1.38 -22.10
N ILE A 1347 44.39 -0.72 -22.83
CA ILE A 1347 43.16 -1.34 -23.34
C ILE A 1347 43.29 -1.39 -24.85
N GLN A 1348 43.47 -2.59 -25.39
CA GLN A 1348 43.82 -2.82 -26.79
C GLN A 1348 42.61 -3.31 -27.56
N ASN A 1349 42.18 -2.53 -28.55
CA ASN A 1349 41.06 -2.87 -29.43
C ASN A 1349 39.82 -3.23 -28.61
N LEU A 1350 39.34 -2.25 -27.85
CA LEU A 1350 38.22 -2.45 -26.95
C LEU A 1350 36.91 -2.05 -27.62
N SER A 1351 35.86 -2.82 -27.34
CA SER A 1351 34.51 -2.49 -27.73
C SER A 1351 33.58 -2.87 -26.58
N VAL A 1352 32.37 -2.32 -26.61
CA VAL A 1352 31.41 -2.58 -25.53
C VAL A 1352 30.01 -2.41 -26.09
N ARG A 1353 29.11 -3.28 -25.62
CA ARG A 1353 27.69 -3.20 -25.94
C ARG A 1353 26.89 -3.31 -24.64
N TYR A 1354 25.71 -2.70 -24.63
CA TYR A 1354 24.88 -2.73 -23.43
C TYR A 1354 24.09 -4.03 -23.32
N ASP A 1355 23.21 -4.29 -24.28
CA ASP A 1355 22.41 -5.50 -24.31
C ASP A 1355 23.01 -6.50 -25.28
N SER A 1356 22.64 -7.76 -25.09
CA SER A 1356 23.14 -8.83 -25.95
C SER A 1356 22.70 -8.60 -27.39
N SER A 1357 23.66 -8.43 -28.28
CA SER A 1357 23.43 -8.23 -29.72
C SER A 1357 22.57 -6.99 -29.97
N LEU A 1358 23.13 -5.84 -29.57
CA LEU A 1358 22.54 -4.54 -29.91
C LEU A 1358 23.60 -3.64 -30.53
N LYS A 1359 23.27 -2.36 -30.70
CA LYS A 1359 24.21 -1.43 -31.31
C LYS A 1359 25.44 -1.25 -30.42
N PRO A 1360 26.64 -1.33 -30.96
CA PRO A 1360 27.84 -1.19 -30.12
C PRO A 1360 28.02 0.25 -29.63
N VAL A 1361 28.60 0.37 -28.44
CA VAL A 1361 28.83 1.67 -27.82
C VAL A 1361 30.20 2.22 -28.21
N LEU A 1362 31.23 1.40 -28.15
CA LEU A 1362 32.57 1.76 -28.57
C LEU A 1362 32.98 0.96 -29.80
N LYS A 1363 34.02 1.43 -30.47
CA LYS A 1363 34.46 0.81 -31.72
C LYS A 1363 35.97 1.01 -31.84
N HIS A 1364 36.73 -0.07 -31.68
CA HIS A 1364 38.19 -0.06 -31.84
C HIS A 1364 38.83 0.95 -30.89
N VAL A 1365 38.68 0.70 -29.59
CA VAL A 1365 39.24 1.56 -28.56
C VAL A 1365 40.61 1.01 -28.18
N ASN A 1366 41.66 1.78 -28.48
CA ASN A 1366 43.03 1.42 -28.14
C ASN A 1366 43.67 2.58 -27.40
N ALA A 1367 44.21 2.30 -26.22
CA ALA A 1367 44.81 3.35 -25.40
C ALA A 1367 45.76 2.73 -24.39
N LEU A 1368 46.67 3.55 -23.88
CA LEU A 1368 47.60 3.13 -22.83
C LEU A 1368 47.84 4.31 -21.91
N ILE A 1369 48.11 4.00 -20.64
CA ILE A 1369 48.26 4.99 -19.58
C ILE A 1369 49.51 4.67 -18.78
N SER A 1370 50.38 5.67 -18.64
CA SER A 1370 51.67 5.54 -17.96
C SER A 1370 51.48 5.58 -16.44
N PRO A 1371 52.45 5.05 -15.69
CA PRO A 1371 52.32 5.04 -14.23
C PRO A 1371 52.36 6.44 -13.64
N GLY A 1372 51.53 6.66 -12.63
CA GLY A 1372 51.53 7.92 -11.90
C GLY A 1372 51.24 9.14 -12.74
N GLN A 1373 50.43 9.00 -13.78
CA GLN A 1373 50.12 10.09 -14.70
C GLN A 1373 48.63 10.33 -14.71
N LYS A 1374 48.22 11.58 -14.49
CA LYS A 1374 46.81 11.92 -14.47
C LYS A 1374 46.25 11.89 -15.89
N ILE A 1375 45.09 11.28 -16.04
CA ILE A 1375 44.47 11.05 -17.35
C ILE A 1375 43.09 11.68 -17.35
N GLY A 1376 42.79 12.43 -18.41
CA GLY A 1376 41.47 13.02 -18.60
C GLY A 1376 40.82 12.42 -19.83
N ILE A 1377 39.49 12.43 -19.83
CA ILE A 1377 38.71 11.94 -20.96
C ILE A 1377 37.56 12.91 -21.21
N CYS A 1378 37.32 13.23 -22.47
CA CYS A 1378 36.31 14.20 -22.86
C CYS A 1378 35.30 13.54 -23.80
N GLY A 1379 34.38 14.35 -24.31
CA GLY A 1379 33.30 13.88 -25.16
C GLY A 1379 31.98 14.49 -24.76
N ARG A 1380 31.02 14.53 -25.68
CA ARG A 1380 29.72 15.12 -25.39
C ARG A 1380 28.85 14.11 -24.65
N THR A 1381 27.57 14.41 -24.51
CA THR A 1381 26.65 13.50 -23.86
C THR A 1381 26.40 12.27 -24.73
N GLY A 1382 26.40 11.09 -24.10
CA GLY A 1382 26.27 9.86 -24.85
C GLY A 1382 27.49 9.49 -25.67
N SER A 1383 28.61 10.18 -25.49
CA SER A 1383 29.81 9.85 -26.24
C SER A 1383 30.39 8.51 -25.81
N GLY A 1384 30.23 8.15 -24.54
CA GLY A 1384 30.66 6.85 -24.07
C GLY A 1384 31.65 6.89 -22.92
N LYS A 1385 31.71 8.02 -22.20
CA LYS A 1385 32.66 8.12 -21.09
C LYS A 1385 32.14 7.40 -19.85
N SER A 1386 30.86 7.56 -19.54
CA SER A 1386 30.26 6.76 -18.47
C SER A 1386 30.32 5.29 -18.80
N SER A 1387 30.08 4.93 -20.06
CA SER A 1387 30.21 3.55 -20.49
C SER A 1387 31.66 3.07 -20.35
N PHE A 1388 32.62 3.94 -20.65
CA PHE A 1388 34.02 3.57 -20.50
C PHE A 1388 34.37 3.31 -19.04
N SER A 1389 33.86 4.15 -18.13
CA SER A 1389 34.10 3.92 -16.71
C SER A 1389 33.47 2.61 -16.25
N LEU A 1390 32.21 2.38 -16.63
CA LEU A 1390 31.54 1.14 -16.23
C LEU A 1390 32.22 -0.09 -16.81
N ALA A 1391 32.79 0.02 -18.01
CA ALA A 1391 33.55 -1.09 -18.58
C ALA A 1391 34.89 -1.26 -17.89
N PHE A 1392 35.50 -0.16 -17.44
CA PHE A 1392 36.70 -0.26 -16.63
C PHE A 1392 36.42 -0.97 -15.32
N PHE A 1393 35.19 -0.86 -14.82
CA PHE A 1393 34.71 -1.70 -13.73
C PHE A 1393 33.89 -2.88 -14.23
N ARG A 1394 34.02 -3.22 -15.52
CA ARG A 1394 33.30 -4.31 -16.19
C ARG A 1394 31.85 -4.40 -15.73
N MET A 1395 31.17 -3.25 -15.71
CA MET A 1395 29.76 -3.22 -15.36
C MET A 1395 28.86 -3.53 -16.54
N VAL A 1396 29.38 -3.43 -17.77
CA VAL A 1396 28.63 -3.78 -18.97
C VAL A 1396 28.99 -5.19 -19.36
N ASP A 1397 27.98 -6.01 -19.65
CA ASP A 1397 28.16 -7.44 -19.83
C ASP A 1397 28.24 -7.86 -21.30
N MET A 1398 28.50 -6.92 -22.21
CA MET A 1398 28.65 -7.25 -23.62
C MET A 1398 29.83 -6.50 -24.23
N PHE A 1399 30.96 -6.47 -23.53
CA PHE A 1399 32.16 -5.84 -24.04
C PHE A 1399 33.03 -6.86 -24.77
N GLU A 1400 33.80 -6.37 -25.75
CA GLU A 1400 34.68 -7.20 -26.54
C GLU A 1400 36.10 -6.63 -26.50
N GLY A 1401 37.05 -7.44 -26.93
CA GLY A 1401 38.45 -7.07 -26.79
C GLY A 1401 38.98 -7.54 -25.43
N ARG A 1402 40.20 -7.16 -25.06
CA ARG A 1402 40.77 -7.52 -23.76
C ARG A 1402 41.09 -6.20 -23.05
N ILE A 1403 40.71 -6.02 -21.79
CA ILE A 1403 41.03 -4.78 -21.07
C ILE A 1403 41.95 -5.11 -19.88
N ILE A 1404 43.06 -4.41 -19.69
CA ILE A 1404 43.97 -4.78 -18.59
C ILE A 1404 44.52 -3.71 -17.63
N ILE A 1405 44.89 -4.18 -16.44
CA ILE A 1405 45.53 -3.37 -15.42
C ILE A 1405 46.75 -4.14 -14.93
N ASP A 1406 47.93 -3.70 -15.34
CA ASP A 1406 49.19 -4.35 -14.98
C ASP A 1406 49.21 -5.81 -15.45
N GLY A 1407 48.91 -6.01 -16.72
CA GLY A 1407 48.87 -7.34 -17.29
C GLY A 1407 47.79 -8.24 -16.73
N ILE A 1408 46.79 -7.66 -16.07
CA ILE A 1408 45.74 -8.42 -15.40
C ILE A 1408 44.39 -7.94 -15.90
N ASP A 1409 43.46 -8.89 -16.06
CA ASP A 1409 42.15 -8.59 -16.62
C ASP A 1409 41.11 -9.37 -15.82
N ILE A 1410 39.90 -9.47 -16.37
CA ILE A 1410 38.75 -9.97 -15.64
C ILE A 1410 38.46 -11.44 -15.97
N ALA A 1411 39.49 -12.19 -16.40
CA ALA A 1411 39.26 -13.56 -16.84
C ALA A 1411 39.33 -14.58 -15.71
N LYS A 1412 39.97 -14.26 -14.59
CA LYS A 1412 40.15 -15.23 -13.51
C LYS A 1412 39.88 -14.65 -12.13
N LEU A 1413 39.28 -13.47 -12.02
CA LEU A 1413 39.06 -12.83 -10.73
C LEU A 1413 37.57 -12.71 -10.43
N PRO A 1414 37.15 -13.02 -9.21
CA PRO A 1414 35.76 -12.78 -8.81
C PRO A 1414 35.52 -11.29 -8.54
N LEU A 1415 34.23 -10.96 -8.36
CA LEU A 1415 33.85 -9.56 -8.24
C LEU A 1415 34.47 -8.91 -7.01
N HIS A 1416 34.62 -9.67 -5.92
CA HIS A 1416 35.10 -9.10 -4.66
C HIS A 1416 36.51 -8.55 -4.83
N THR A 1417 37.40 -9.30 -5.49
CA THR A 1417 38.73 -8.79 -5.78
C THR A 1417 38.69 -7.66 -6.79
N LEU A 1418 37.73 -7.70 -7.72
CA LEU A 1418 37.61 -6.65 -8.73
C LEU A 1418 37.13 -5.32 -8.14
N ARG A 1419 36.55 -5.34 -6.94
CA ARG A 1419 36.11 -4.11 -6.29
C ARG A 1419 37.03 -3.65 -5.18
N SER A 1420 37.99 -4.49 -4.76
CA SER A 1420 39.02 -4.08 -3.83
C SER A 1420 40.30 -3.64 -4.54
N ARG A 1421 40.19 -3.22 -5.80
CA ARG A 1421 41.36 -2.85 -6.60
C ARG A 1421 41.28 -1.46 -7.20
N LEU A 1422 40.09 -0.88 -7.37
CA LEU A 1422 39.94 0.44 -7.94
C LEU A 1422 38.98 1.27 -7.10
N SER A 1423 39.14 2.60 -7.19
CA SER A 1423 38.25 3.55 -6.54
C SER A 1423 37.48 4.34 -7.58
N ILE A 1424 36.36 4.91 -7.16
CA ILE A 1424 35.45 5.59 -8.07
C ILE A 1424 34.58 6.55 -7.27
N ILE A 1425 34.37 7.74 -7.81
CA ILE A 1425 33.45 8.72 -7.27
C ILE A 1425 32.44 9.06 -8.36
N LEU A 1426 31.17 8.79 -8.11
CA LEU A 1426 30.14 8.94 -9.13
C LEU A 1426 29.60 10.36 -9.16
N GLN A 1427 28.94 10.69 -10.28
CA GLN A 1427 28.28 11.97 -10.42
C GLN A 1427 27.07 12.10 -9.50
N ASP A 1428 26.51 10.97 -9.04
CA ASP A 1428 25.33 10.95 -8.19
C ASP A 1428 25.76 10.58 -6.77
N PRO A 1429 26.04 11.54 -5.90
CA PRO A 1429 26.46 11.22 -4.54
C PRO A 1429 25.29 11.00 -3.61
N VAL A 1430 25.54 10.18 -2.58
CA VAL A 1430 24.52 9.89 -1.57
C VAL A 1430 25.22 9.66 -0.23
N LEU A 1431 24.49 9.94 0.84
CA LEU A 1431 24.95 9.71 2.21
C LEU A 1431 23.88 8.87 2.90
N PHE A 1432 24.06 7.56 2.89
CA PHE A 1432 23.09 6.67 3.52
C PHE A 1432 23.09 6.87 5.04
N SER A 1433 21.98 6.48 5.66
CA SER A 1433 21.77 6.77 7.07
C SER A 1433 22.79 6.04 7.95
N GLY A 1434 22.93 6.54 9.16
CA GLY A 1434 23.90 6.00 10.11
C GLY A 1434 24.77 7.06 10.72
N THR A 1435 25.99 6.70 11.11
CA THR A 1435 26.94 7.63 11.67
C THR A 1435 27.97 8.01 10.61
N ILE A 1436 28.97 8.79 11.01
CA ILE A 1436 30.05 9.14 10.10
C ILE A 1436 30.96 7.94 9.88
N ARG A 1437 31.11 7.08 10.89
CA ARG A 1437 31.90 5.86 10.70
C ARG A 1437 31.23 4.91 9.73
N PHE A 1438 29.90 4.96 9.63
CA PHE A 1438 29.17 4.10 8.71
C PHE A 1438 29.19 4.62 7.29
N ASN A 1439 29.47 5.91 7.08
CA ASN A 1439 29.59 6.47 5.75
C ASN A 1439 31.03 6.47 5.25
N LEU A 1440 31.99 6.76 6.13
CA LEU A 1440 33.39 6.75 5.72
C LEU A 1440 33.88 5.33 5.46
N ASP A 1441 33.73 4.45 6.44
CA ASP A 1441 34.15 3.05 6.33
C ASP A 1441 33.01 2.16 6.80
N PRO A 1442 32.09 1.81 5.91
CA PRO A 1442 30.97 0.94 6.32
C PRO A 1442 31.43 -0.45 6.74
N GLU A 1443 32.53 -0.90 6.15
CA GLU A 1443 33.16 -2.16 6.52
C GLU A 1443 33.63 -2.05 7.98
N LYS A 1444 34.11 -0.85 8.33
CA LYS A 1444 34.61 -0.42 9.65
C LYS A 1444 35.99 -0.95 10.05
N LYS A 1445 36.73 -1.47 9.08
CA LYS A 1445 38.08 -1.98 9.32
C LYS A 1445 39.03 -0.87 9.77
N CYS A 1446 38.90 0.30 9.14
CA CYS A 1446 39.77 1.44 9.44
C CYS A 1446 39.64 2.01 10.85
N SER A 1447 40.78 2.35 11.44
CA SER A 1447 40.84 2.92 12.79
C SER A 1447 40.49 4.41 12.85
N ASP A 1448 40.07 4.86 14.03
CA ASP A 1448 39.72 6.28 14.27
C ASP A 1448 40.68 7.38 13.80
N SER A 1449 41.99 7.26 14.07
CA SER A 1449 42.94 8.24 13.57
C SER A 1449 42.98 8.23 12.05
N THR A 1450 42.77 7.07 11.42
CA THR A 1450 42.72 7.02 9.96
C THR A 1450 41.56 7.84 9.42
N LEU A 1451 40.37 7.68 10.02
CA LEU A 1451 39.21 8.46 9.58
C LEU A 1451 39.39 9.93 9.88
N TRP A 1452 40.01 10.26 11.02
CA TRP A 1452 40.26 11.67 11.33
C TRP A 1452 41.24 12.30 10.34
N GLU A 1453 42.27 11.56 9.95
CA GLU A 1453 43.21 12.07 8.95
C GLU A 1453 42.54 12.20 7.59
N ALA A 1454 41.68 11.24 7.23
CA ALA A 1454 40.98 11.33 5.96
C ALA A 1454 40.02 12.53 5.93
N LEU A 1455 39.44 12.86 7.08
CA LEU A 1455 38.56 14.04 7.14
C LEU A 1455 39.39 15.33 7.12
N GLU A 1456 40.55 15.33 7.78
CA GLU A 1456 41.40 16.52 7.79
C GLU A 1456 41.97 16.80 6.41
N ILE A 1457 42.37 15.75 5.67
CA ILE A 1457 42.88 15.95 4.32
C ILE A 1457 41.75 16.37 3.39
N ALA A 1458 40.55 15.82 3.58
CA ALA A 1458 39.41 16.15 2.76
C ALA A 1458 38.74 17.46 3.16
N GLN A 1459 39.37 18.26 4.01
CA GLN A 1459 38.84 19.57 4.43
C GLN A 1459 37.44 19.42 5.04
N LEU A 1460 37.32 18.46 5.96
CA LEU A 1460 36.04 18.17 6.58
C LEU A 1460 36.13 17.96 8.09
N LYS A 1461 37.33 18.07 8.67
CA LYS A 1461 37.49 17.76 10.09
C LYS A 1461 36.83 18.79 10.98
N LEU A 1462 36.82 20.06 10.57
CA LEU A 1462 36.30 21.12 11.41
C LEU A 1462 34.78 21.00 11.60
N VAL A 1463 34.05 20.76 10.50
CA VAL A 1463 32.61 20.60 10.60
C VAL A 1463 32.24 19.27 11.23
N VAL A 1464 33.14 18.28 11.19
CA VAL A 1464 32.88 17.01 11.86
C VAL A 1464 33.03 17.16 13.37
N LYS A 1465 34.03 17.92 13.82
CA LYS A 1465 34.20 18.17 15.25
C LYS A 1465 33.06 18.99 15.83
N ALA A 1466 32.27 19.66 15.00
CA ALA A 1466 31.16 20.50 15.46
C ALA A 1466 29.84 19.75 15.51
N LEU A 1467 29.87 18.43 15.72
CA LEU A 1467 28.67 17.61 15.78
C LEU A 1467 28.68 16.81 17.07
N PRO A 1468 27.51 16.40 17.56
CA PRO A 1468 27.47 15.69 18.86
C PRO A 1468 28.23 14.37 18.81
N GLY A 1469 29.15 14.22 19.75
CA GLY A 1469 29.89 12.98 19.87
C GLY A 1469 31.11 12.92 18.98
N GLY A 1470 30.97 13.36 17.73
CA GLY A 1470 32.07 13.27 16.78
C GLY A 1470 32.15 11.91 16.15
N LEU A 1471 32.21 11.86 14.82
CA LEU A 1471 32.21 10.63 14.02
C LEU A 1471 30.99 9.75 14.29
N ASP A 1472 29.96 10.29 14.94
CA ASP A 1472 28.79 9.48 15.30
C ASP A 1472 27.48 10.22 15.07
N ALA A 1473 27.49 11.29 14.27
CA ALA A 1473 26.27 12.02 13.98
C ALA A 1473 25.29 11.13 13.22
N ILE A 1474 24.05 11.10 13.69
CA ILE A 1474 23.01 10.28 13.08
C ILE A 1474 22.56 10.95 11.78
N ILE A 1475 23.00 10.40 10.64
CA ILE A 1475 22.66 10.96 9.35
C ILE A 1475 21.42 10.26 8.80
N THR A 1476 20.72 10.94 7.89
CA THR A 1476 19.57 10.38 7.21
C THR A 1476 19.87 10.27 5.72
N GLU A 1477 19.13 9.39 5.05
CA GLU A 1477 19.32 9.15 3.62
C GLU A 1477 19.08 10.43 2.83
N GLY A 1478 20.13 10.94 2.19
CA GLY A 1478 20.05 12.25 1.56
C GLY A 1478 19.85 13.33 2.61
N GLY A 1479 18.66 13.90 2.66
CA GLY A 1479 18.35 14.84 3.72
C GLY A 1479 19.00 16.20 3.52
N GLU A 1480 19.08 16.95 4.61
CA GLU A 1480 19.63 18.29 4.63
C GLU A 1480 20.59 18.47 5.79
N ASN A 1481 21.38 17.43 6.08
CA ASN A 1481 22.34 17.48 7.18
C ASN A 1481 23.71 17.97 6.76
N PHE A 1482 24.02 17.96 5.46
CA PHE A 1482 25.30 18.41 4.97
C PHE A 1482 25.12 19.08 3.61
N SER A 1483 26.11 19.87 3.21
CA SER A 1483 26.08 20.57 1.94
C SER A 1483 26.55 19.66 0.81
N GLN A 1484 26.23 20.05 -0.42
CA GLN A 1484 26.65 19.27 -1.59
C GLN A 1484 28.17 19.13 -1.65
N GLY A 1485 28.88 20.23 -1.40
CA GLY A 1485 30.33 20.14 -1.30
C GLY A 1485 30.79 19.22 -0.21
N GLN A 1486 30.08 19.21 0.92
CA GLN A 1486 30.43 18.29 1.99
C GLN A 1486 30.10 16.85 1.64
N ARG A 1487 29.04 16.63 0.84
CA ARG A 1487 28.77 15.29 0.35
C ARG A 1487 29.89 14.80 -0.58
N GLN A 1488 30.37 15.69 -1.45
CA GLN A 1488 31.51 15.32 -2.29
C GLN A 1488 32.77 15.13 -1.46
N LEU A 1489 32.90 15.86 -0.36
CA LEU A 1489 34.04 15.66 0.54
C LEU A 1489 33.95 14.30 1.23
N PHE A 1490 32.74 13.86 1.58
CA PHE A 1490 32.56 12.52 2.10
C PHE A 1490 32.88 11.46 1.05
N CYS A 1491 32.51 11.72 -0.20
CA CYS A 1491 32.87 10.80 -1.28
C CYS A 1491 34.39 10.71 -1.44
N LEU A 1492 35.08 11.86 -1.36
CA LEU A 1492 36.53 11.86 -1.43
C LEU A 1492 37.15 11.20 -0.21
N ALA A 1493 36.47 11.24 0.95
CA ALA A 1493 36.96 10.53 2.11
C ALA A 1493 36.81 9.02 1.93
N ARG A 1494 35.69 8.59 1.33
CA ARG A 1494 35.56 7.19 0.92
C ARG A 1494 36.72 6.80 0.00
N ALA A 1495 37.03 7.67 -0.96
CA ALA A 1495 38.12 7.40 -1.88
C ALA A 1495 39.46 7.33 -1.15
N PHE A 1496 39.64 8.18 -0.14
CA PHE A 1496 40.87 8.16 0.66
C PHE A 1496 41.00 6.84 1.41
N VAL A 1497 39.92 6.41 2.08
CA VAL A 1497 40.00 5.21 2.90
C VAL A 1497 39.98 3.94 2.07
N ARG A 1498 39.55 4.01 0.82
CA ARG A 1498 39.50 2.83 -0.03
C ARG A 1498 40.89 2.25 -0.27
N LYS A 1499 41.86 3.14 -0.49
CA LYS A 1499 43.26 2.79 -0.74
C LYS A 1499 43.48 1.86 -1.95
N THR A 1500 42.66 2.06 -2.98
CA THR A 1500 42.75 1.29 -4.22
C THR A 1500 44.06 1.53 -4.96
N SER A 1501 44.49 2.79 -4.90
CA SER A 1501 45.69 3.40 -5.54
C SER A 1501 45.46 3.80 -7.01
N ILE A 1502 44.25 3.56 -7.48
CA ILE A 1502 43.80 3.92 -8.82
C ILE A 1502 42.51 4.68 -8.56
N PHE A 1503 42.35 5.85 -9.15
CA PHE A 1503 41.13 6.60 -8.87
C PHE A 1503 40.39 6.89 -10.16
N ILE A 1504 39.06 6.81 -10.10
CA ILE A 1504 38.19 7.20 -11.21
C ILE A 1504 37.27 8.31 -10.70
N MET A 1505 37.26 9.43 -11.42
CA MET A 1505 36.49 10.61 -11.02
C MET A 1505 35.44 10.86 -12.10
N ASP A 1506 34.24 10.33 -11.86
CA ASP A 1506 33.15 10.40 -12.83
C ASP A 1506 32.30 11.62 -12.53
N GLU A 1507 32.70 12.76 -13.09
CA GLU A 1507 31.96 14.02 -12.99
C GLU A 1507 31.76 14.44 -11.53
N ALA A 1508 32.87 14.73 -10.85
CA ALA A 1508 32.84 15.33 -9.52
C ALA A 1508 32.59 16.83 -9.57
N THR A 1509 32.12 17.32 -10.71
CA THR A 1509 31.91 18.74 -10.95
C THR A 1509 30.44 19.13 -11.07
N ALA A 1510 29.59 18.27 -11.63
CA ALA A 1510 28.21 18.65 -11.90
C ALA A 1510 27.47 19.00 -10.62
N SER A 1511 26.64 20.05 -10.71
CA SER A 1511 25.77 20.50 -9.61
C SER A 1511 26.60 20.90 -8.38
N ILE A 1512 27.71 21.58 -8.60
CA ILE A 1512 28.55 22.11 -7.53
C ILE A 1512 28.97 23.52 -7.91
N ASP A 1513 28.90 24.44 -6.95
CA ASP A 1513 29.29 25.82 -7.20
C ASP A 1513 30.74 25.90 -7.65
N MET A 1514 31.01 26.81 -8.58
CA MET A 1514 32.37 26.93 -9.11
C MET A 1514 33.36 27.38 -8.04
N ALA A 1515 32.94 28.28 -7.16
CA ALA A 1515 33.81 28.74 -6.08
C ALA A 1515 34.22 27.60 -5.16
N THR A 1516 33.35 26.58 -5.03
CA THR A 1516 33.69 25.41 -4.23
C THR A 1516 34.31 24.30 -5.08
N GLU A 1517 33.89 24.16 -6.33
CA GLU A 1517 34.44 23.11 -7.18
C GLU A 1517 35.90 23.36 -7.50
N ASN A 1518 36.29 24.63 -7.67
CA ASN A 1518 37.69 24.93 -7.97
C ASN A 1518 38.60 24.56 -6.80
N ILE A 1519 38.22 24.94 -5.58
CA ILE A 1519 39.04 24.57 -4.44
C ILE A 1519 38.96 23.06 -4.19
N LEU A 1520 37.84 22.42 -4.55
CA LEU A 1520 37.75 20.97 -4.45
C LEU A 1520 38.76 20.30 -5.37
N GLN A 1521 38.82 20.75 -6.63
CA GLN A 1521 39.81 20.19 -7.55
C GLN A 1521 41.23 20.52 -7.12
N LYS A 1522 41.45 21.70 -6.52
CA LYS A 1522 42.78 22.03 -6.03
C LYS A 1522 43.19 21.11 -4.90
N VAL A 1523 42.27 20.80 -3.99
CA VAL A 1523 42.56 19.87 -2.90
C VAL A 1523 42.79 18.46 -3.44
N VAL A 1524 41.99 18.04 -4.42
CA VAL A 1524 42.14 16.70 -4.97
C VAL A 1524 43.41 16.58 -5.81
N MET A 1525 43.96 17.70 -6.29
CA MET A 1525 45.23 17.67 -6.98
C MET A 1525 46.39 17.67 -6.00
N THR A 1526 46.35 18.56 -5.00
CA THR A 1526 47.41 18.60 -4.00
C THR A 1526 47.45 17.33 -3.16
N ALA A 1527 46.35 16.60 -3.06
CA ALA A 1527 46.33 15.34 -2.33
C ALA A 1527 46.71 14.16 -3.19
N PHE A 1528 46.35 14.19 -4.48
CA PHE A 1528 46.66 13.11 -5.41
C PHE A 1528 47.84 13.51 -6.28
N ALA A 1529 49.05 13.30 -5.74
CA ALA A 1529 50.26 13.39 -6.53
C ALA A 1529 50.66 12.06 -7.14
N ASP A 1530 50.16 10.95 -6.59
CA ASP A 1530 50.40 9.62 -7.12
C ASP A 1530 49.03 8.96 -7.29
N ARG A 1531 49.05 7.66 -7.58
CA ARG A 1531 47.84 6.82 -7.59
C ARG A 1531 46.88 7.30 -8.69
N THR A 1532 47.28 6.97 -9.92
CA THR A 1532 46.80 7.55 -11.18
C THR A 1532 45.29 7.77 -11.16
N VAL A 1533 44.85 8.97 -11.52
CA VAL A 1533 43.43 9.29 -11.53
C VAL A 1533 43.00 9.51 -12.97
N VAL A 1534 41.89 8.87 -13.34
CA VAL A 1534 41.25 9.07 -14.64
C VAL A 1534 39.92 9.77 -14.40
N THR A 1535 39.76 10.94 -15.01
CA THR A 1535 38.62 11.79 -14.76
C THR A 1535 37.77 11.95 -16.01
N ILE A 1536 36.52 12.35 -15.80
CA ILE A 1536 35.59 12.61 -16.89
C ILE A 1536 34.64 13.72 -16.45
N ALA A 1537 34.52 14.76 -17.29
CA ALA A 1537 33.67 15.91 -17.00
C ALA A 1537 33.49 16.70 -18.28
N HIS A 1538 32.70 17.78 -18.20
CA HIS A 1538 32.49 18.70 -19.31
C HIS A 1538 33.04 20.09 -19.01
N ARG A 1539 33.90 20.20 -18.00
CA ARG A 1539 34.54 21.47 -17.66
C ARG A 1539 35.78 21.67 -18.53
N VAL A 1540 36.13 22.94 -18.75
CA VAL A 1540 37.29 23.27 -19.58
C VAL A 1540 38.58 23.06 -18.82
N HIS A 1541 38.70 23.67 -17.64
CA HIS A 1541 39.96 23.63 -16.90
C HIS A 1541 40.30 22.23 -16.41
N THR A 1542 39.29 21.43 -16.06
CA THR A 1542 39.54 20.07 -15.61
C THR A 1542 40.18 19.24 -16.71
N ILE A 1543 39.65 19.33 -17.93
CA ILE A 1543 40.27 18.62 -19.05
C ILE A 1543 41.61 19.25 -19.41
N LEU A 1544 41.77 20.55 -19.17
CA LEU A 1544 43.03 21.22 -19.50
C LEU A 1544 44.16 20.79 -18.57
N SER A 1545 43.85 20.48 -17.31
CA SER A 1545 44.88 20.12 -16.35
C SER A 1545 45.37 18.69 -16.50
N ALA A 1546 44.67 17.85 -17.27
CA ALA A 1546 45.06 16.45 -17.42
C ALA A 1546 46.10 16.29 -18.53
N ASP A 1547 46.92 15.24 -18.41
CA ASP A 1547 48.01 15.03 -19.37
C ASP A 1547 47.52 14.31 -20.62
N LEU A 1548 47.08 13.07 -20.49
CA LEU A 1548 46.65 12.25 -21.62
C LEU A 1548 45.13 12.35 -21.73
N VAL A 1549 44.65 12.76 -22.91
CA VAL A 1549 43.21 12.95 -23.11
C VAL A 1549 42.82 12.35 -24.46
N MET A 1550 41.64 11.75 -24.50
CA MET A 1550 41.15 11.10 -25.70
C MET A 1550 39.77 11.65 -26.05
N VAL A 1551 39.67 12.30 -27.21
CA VAL A 1551 38.40 12.86 -27.65
C VAL A 1551 37.51 11.73 -28.13
N LEU A 1552 36.34 11.59 -27.51
CA LEU A 1552 35.38 10.56 -27.90
C LEU A 1552 34.66 11.03 -29.16
N LYS A 1553 34.87 10.32 -30.26
CA LYS A 1553 34.21 10.64 -31.52
C LYS A 1553 32.78 10.09 -31.50
N ARG A 1554 32.13 10.05 -32.66
CA ARG A 1554 30.74 9.61 -32.73
C ARG A 1554 30.58 8.19 -32.22
N GLY A 1555 31.47 7.28 -32.63
CA GLY A 1555 31.42 5.92 -32.12
C GLY A 1555 32.73 5.42 -31.53
N ALA A 1556 33.84 6.08 -31.86
CA ALA A 1556 35.17 5.67 -31.46
C ALA A 1556 35.85 6.79 -30.67
N ILE A 1557 37.13 6.60 -30.37
CA ILE A 1557 37.92 7.58 -29.64
C ILE A 1557 39.18 7.89 -30.44
N LEU A 1558 39.76 9.05 -30.16
CA LEU A 1558 41.05 9.45 -30.72
C LEU A 1558 41.89 9.99 -29.57
N GLU A 1559 42.96 9.28 -29.23
CA GLU A 1559 43.74 9.61 -28.05
C GLU A 1559 44.90 10.54 -28.38
N PHE A 1560 45.34 11.31 -27.39
CA PHE A 1560 46.44 12.23 -27.51
C PHE A 1560 47.21 12.27 -26.20
N ASP A 1561 48.53 12.18 -26.30
CA ASP A 1561 49.39 12.03 -25.14
C ASP A 1561 49.71 13.37 -24.49
N LYS A 1562 50.38 14.27 -25.23
CA LYS A 1562 50.81 15.52 -24.62
C LYS A 1562 49.68 16.54 -24.66
N PRO A 1563 49.33 17.15 -23.52
CA PRO A 1563 48.15 18.03 -23.51
C PRO A 1563 48.37 19.35 -24.24
N GLU A 1564 49.53 19.98 -24.06
CA GLU A 1564 49.80 21.26 -24.71
C GLU A 1564 50.01 21.12 -26.21
N THR A 1565 50.23 19.90 -26.71
CA THR A 1565 50.46 19.68 -28.13
C THR A 1565 49.17 19.51 -28.92
N LEU A 1566 48.20 18.78 -28.37
CA LEU A 1566 46.95 18.52 -29.09
C LEU A 1566 45.97 19.68 -29.00
N LEU A 1567 46.18 20.64 -28.10
CA LEU A 1567 45.30 21.79 -27.99
C LEU A 1567 45.69 22.94 -28.90
N SER A 1568 46.75 22.78 -29.70
CA SER A 1568 47.11 23.73 -30.74
C SER A 1568 47.46 23.08 -32.06
N GLN A 1569 47.56 21.75 -32.12
CA GLN A 1569 47.87 21.06 -33.37
C GLN A 1569 46.67 21.06 -34.31
N LYS A 1570 45.48 20.77 -33.78
CA LYS A 1570 44.24 20.90 -34.55
C LYS A 1570 43.87 22.35 -34.80
N ASP A 1571 44.73 23.28 -34.41
CA ASP A 1571 44.51 24.72 -34.57
C ASP A 1571 43.28 25.20 -33.80
N SER A 1572 43.05 24.59 -32.64
CA SER A 1572 41.94 24.96 -31.75
C SER A 1572 40.60 24.87 -32.49
N VAL A 1573 40.29 23.67 -32.97
CA VAL A 1573 39.06 23.41 -33.68
C VAL A 1573 38.24 22.30 -33.03
N PHE A 1574 38.89 21.20 -32.63
CA PHE A 1574 38.18 20.03 -32.12
C PHE A 1574 38.52 19.67 -30.68
N ALA A 1575 39.54 20.27 -30.07
CA ALA A 1575 39.96 19.91 -28.72
C ALA A 1575 40.04 21.08 -27.75
N SER A 1576 40.21 22.32 -28.23
CA SER A 1576 40.31 23.49 -27.36
C SER A 1576 38.97 24.22 -27.25
N PHE A 1577 38.40 24.63 -28.38
CA PHE A 1577 37.08 25.27 -28.35
C PHE A 1577 36.00 24.31 -27.90
N VAL A 1578 36.19 23.01 -28.15
CA VAL A 1578 35.23 22.01 -27.67
C VAL A 1578 35.35 21.86 -26.16
N ARG A 1579 36.57 21.89 -25.63
CA ARG A 1579 36.79 21.80 -24.20
C ARG A 1579 36.33 23.07 -23.50
#